data_6C98
#
_entry.id   6C98
#
_cell.length_a   42.270
_cell.length_b   76.290
_cell.length_c   138.060
_cell.angle_alpha   90.00
_cell.angle_beta   90.01
_cell.angle_gamma   90.00
#
_symmetry.space_group_name_H-M   'P 1 21 1'
#
loop_
_entity.id
_entity.type
_entity.pdbx_description
1 polymer 'IgG receptor FcRn large subunit p51'
2 polymer Beta-2-microglobulin
3 non-polymer CYSTEINE
4 non-polymer 1-[7-(3-fluorophenyl)-5-methyl[1,2,4]triazolo[1,5-a]pyrimidin-6-yl]ethan-1-one
5 non-polymer GLYCEROL
6 non-polymer DI(HYDROXYETHYL)ETHER
7 water water
#
loop_
_entity_poly.entity_id
_entity_poly.type
_entity_poly.pdbx_seq_one_letter_code
_entity_poly.pdbx_strand_id
1 'polypeptide(L)'
;AESHLSLLYHLTAVSSPAPGTPAFWVSGWLGPQQYLSYNSLRGEAEPCGAWVWENQVSWYWEKETTDLRIKEKLFLEAFK
ALGGKGPYTLQGLLGCELGPDNTSVPTAKFALNGEEFMNFDLKQGTWGGDWPEALAISQRWQQQDKAANKELTFLLFSCP
HRLREHLERGRGNLEWKEPPSMRLKARPSSPGFSVLTCSAFSFYPPELQLRFLRNGLAAGTGQGDFGPNSDGSFHASSSL
TVKSGDEHHYCCIVQHAGLAQPLRVELESPAKSS
;
A,C
2 'polypeptide(L)'
;IQRTPKIQVYSRHPAENGKSNFLNCYVSGFHPSDIEVDLLKNGERIEKVEHSDLSFSKDWSFYLLYYTEFTPTEKDEYAC
RVNHVTLSQPKIVKWDRDM
;
B,D
#
loop_
_chem_comp.id
_chem_comp.type
_chem_comp.name
_chem_comp.formula
ER7 non-polymer 1-[7-(3-fluorophenyl)-5-methyl[1,2,4]triazolo[1,5-a]pyrimidin-6-yl]ethan-1-one 'C14 H11 F N4 O'
GOL non-polymer GLYCEROL 'C3 H8 O3'
PEG non-polymer DI(HYDROXYETHYL)ETHER 'C4 H10 O3'
#
# COMPACT_ATOMS: atom_id res chain seq x y z
N HIS A 4 -9.35 -18.41 -13.70
CA HIS A 4 -8.56 -18.06 -14.88
C HIS A 4 -7.19 -17.54 -14.46
N LEU A 5 -6.73 -17.95 -13.28
CA LEU A 5 -5.44 -17.54 -12.75
C LEU A 5 -4.35 -18.50 -13.22
N SER A 6 -3.26 -17.95 -13.75
CA SER A 6 -2.14 -18.75 -14.21
C SER A 6 -1.02 -18.74 -13.18
N LEU A 7 -0.35 -19.88 -13.06
CA LEU A 7 0.94 -19.96 -12.41
C LEU A 7 1.97 -20.20 -13.50
N LEU A 8 2.91 -19.27 -13.66
CA LEU A 8 3.82 -19.30 -14.80
C LEU A 8 5.25 -19.02 -14.35
N TYR A 9 6.17 -19.87 -14.79
CA TYR A 9 7.58 -19.68 -14.54
C TYR A 9 8.21 -19.09 -15.79
N HIS A 10 9.03 -18.07 -15.61
CA HIS A 10 9.81 -17.46 -16.68
C HIS A 10 11.26 -17.88 -16.47
N LEU A 11 11.75 -18.79 -17.30
CA LEU A 11 13.10 -19.32 -17.12
C LEU A 11 14.01 -18.74 -18.19
N THR A 12 15.20 -18.30 -17.80
CA THR A 12 16.19 -17.80 -18.75
C THR A 12 17.55 -18.40 -18.43
N ALA A 13 18.27 -18.86 -19.47
CA ALA A 13 19.68 -19.17 -19.33
C ALA A 13 20.46 -18.43 -20.41
N VAL A 14 21.70 -18.05 -20.09
CA VAL A 14 22.57 -17.38 -21.04
C VAL A 14 23.90 -18.12 -21.08
N SER A 15 24.47 -18.24 -22.29
CA SER A 15 25.69 -19.02 -22.46
C SER A 15 26.92 -18.28 -21.93
N SER A 16 26.91 -16.95 -21.88
CA SER A 16 28.08 -16.18 -21.43
C SER A 16 27.62 -15.06 -20.50
N PRO A 17 27.26 -15.41 -19.27
CA PRO A 17 26.77 -14.39 -18.33
C PRO A 17 27.86 -13.40 -17.95
N ALA A 18 27.49 -12.13 -17.83
CA ALA A 18 28.46 -11.15 -17.36
C ALA A 18 28.91 -11.51 -15.96
N PRO A 19 30.16 -11.17 -15.60
CA PRO A 19 30.68 -11.54 -14.28
C PRO A 19 29.79 -11.00 -13.17
N GLY A 20 29.60 -11.81 -12.14
CA GLY A 20 28.71 -11.46 -11.05
C GLY A 20 27.23 -11.63 -11.33
N THR A 21 26.85 -12.06 -12.54
CA THR A 21 25.45 -12.30 -12.85
C THR A 21 25.22 -13.79 -13.15
N PRO A 22 23.99 -14.26 -12.97
CA PRO A 22 23.76 -15.72 -13.04
C PRO A 22 23.60 -16.21 -14.46
N ALA A 23 24.11 -17.42 -14.70
CA ALA A 23 23.88 -18.09 -15.97
C ALA A 23 22.42 -18.44 -16.18
N PHE A 24 21.67 -18.66 -15.09
CA PHE A 24 20.30 -19.14 -15.15
C PHE A 24 19.48 -18.46 -14.06
N TRP A 25 18.30 -17.95 -14.39
CA TRP A 25 17.43 -17.38 -13.35
C TRP A 25 15.97 -17.60 -13.73
N VAL A 26 15.11 -17.56 -12.72
CA VAL A 26 13.69 -17.86 -12.87
C VAL A 26 12.90 -16.85 -12.05
N SER A 27 11.79 -16.35 -12.62
CA SER A 27 10.78 -15.67 -11.83
C SER A 27 9.49 -16.44 -11.99
N GLY A 28 8.77 -16.59 -10.88
CA GLY A 28 7.50 -17.30 -10.85
C GLY A 28 6.38 -16.31 -10.58
N TRP A 29 5.28 -16.46 -11.32
CA TRP A 29 4.22 -15.49 -11.34
C TRP A 29 2.89 -16.17 -11.06
N LEU A 30 2.08 -15.53 -10.21
CA LEU A 30 0.70 -15.90 -9.98
C LEU A 30 -0.14 -14.76 -10.54
N GLY A 31 -0.79 -14.97 -11.67
CA GLY A 31 -1.40 -13.86 -12.35
C GLY A 31 -0.35 -12.79 -12.61
N PRO A 32 -0.64 -11.54 -12.28
CA PRO A 32 0.33 -10.45 -12.51
C PRO A 32 1.32 -10.24 -11.37
N GLN A 33 1.36 -11.11 -10.36
CA GLN A 33 2.18 -10.91 -9.19
C GLN A 33 3.38 -11.85 -9.23
N GLN A 34 4.56 -11.31 -8.99
CA GLN A 34 5.73 -12.18 -8.85
C GLN A 34 5.71 -12.79 -7.46
N TYR A 35 5.67 -14.13 -7.38
CA TYR A 35 5.72 -14.77 -6.08
C TYR A 35 7.03 -15.49 -5.82
N LEU A 36 7.87 -15.72 -6.83
CA LEU A 36 9.04 -16.57 -6.69
C LEU A 36 10.23 -15.98 -7.44
N SER A 37 11.41 -16.10 -6.84
CA SER A 37 12.68 -15.75 -7.48
C SER A 37 13.65 -16.91 -7.30
N TYR A 38 14.46 -17.15 -8.32
CA TYR A 38 15.50 -18.18 -8.24
C TYR A 38 16.65 -17.76 -9.15
N ASN A 39 17.88 -17.95 -8.71
CA ASN A 39 18.99 -17.82 -9.66
C ASN A 39 20.07 -18.82 -9.30
N SER A 40 20.93 -19.10 -10.27
CA SER A 40 21.93 -20.16 -10.14
C SER A 40 23.10 -19.76 -9.25
N LEU A 41 23.23 -18.48 -8.88
CA LEU A 41 24.29 -18.12 -7.95
C LEU A 41 23.87 -18.41 -6.51
N ARG A 42 22.63 -18.08 -6.16
CA ARG A 42 22.14 -18.39 -4.81
C ARG A 42 21.67 -19.83 -4.71
N GLY A 43 21.13 -20.39 -5.80
CA GLY A 43 20.69 -21.78 -5.82
C GLY A 43 19.47 -22.11 -4.98
N GLU A 44 18.72 -21.10 -4.53
CA GLU A 44 17.55 -21.31 -3.69
C GLU A 44 16.36 -20.55 -4.25
N ALA A 45 15.19 -21.20 -4.28
CA ALA A 45 13.96 -20.50 -4.62
C ALA A 45 13.44 -19.74 -3.41
N GLU A 46 13.03 -18.50 -3.63
CA GLU A 46 12.60 -17.64 -2.53
C GLU A 46 11.27 -16.98 -2.88
N PRO A 47 10.43 -16.72 -1.88
CA PRO A 47 9.21 -15.94 -2.11
C PRO A 47 9.53 -14.47 -2.31
N CYS A 48 8.61 -13.78 -3.00
CA CYS A 48 8.72 -12.35 -3.29
C CYS A 48 7.55 -11.59 -2.69
N GLY A 49 7.85 -10.39 -2.17
CA GLY A 49 6.77 -9.48 -1.76
C GLY A 49 5.91 -10.06 -0.66
N ALA A 50 4.60 -9.91 -0.81
CA ALA A 50 3.66 -10.39 0.21
C ALA A 50 3.68 -11.90 0.36
N TRP A 51 4.12 -12.61 -0.68
CA TRP A 51 4.18 -14.06 -0.64
C TRP A 51 5.18 -14.58 0.39
N VAL A 52 6.07 -13.71 0.87
CA VAL A 52 6.96 -14.08 1.96
C VAL A 52 6.15 -14.49 3.19
N TRP A 53 5.00 -13.86 3.40
CA TRP A 53 4.19 -14.09 4.60
C TRP A 53 3.07 -15.08 4.36
N GLU A 54 3.00 -15.66 3.16
CA GLU A 54 2.10 -16.77 2.93
C GLU A 54 2.52 -17.90 3.85
N ASN A 55 1.55 -18.49 4.53
CA ASN A 55 1.87 -19.47 5.55
C ASN A 55 1.79 -20.86 4.94
N GLN A 56 2.78 -21.14 4.10
CA GLN A 56 2.75 -22.27 3.19
C GLN A 56 3.18 -23.56 3.89
N VAL A 57 2.92 -24.71 3.25
CA VAL A 57 3.29 -25.98 3.84
C VAL A 57 4.81 -26.05 4.02
N SER A 58 5.24 -26.91 4.94
CA SER A 58 6.61 -26.86 5.43
C SER A 58 7.64 -27.12 4.33
N TRP A 59 7.34 -28.04 3.42
CA TRP A 59 8.29 -28.44 2.39
C TRP A 59 8.14 -27.65 1.11
N TYR A 60 7.32 -26.60 1.10
CA TYR A 60 6.96 -25.95 -0.16
C TYR A 60 8.18 -25.39 -0.88
N TRP A 61 8.95 -24.55 -0.19
CA TRP A 61 10.02 -23.85 -0.88
C TRP A 61 11.20 -24.77 -1.17
N GLU A 62 11.36 -25.84 -0.39
CA GLU A 62 12.40 -26.82 -0.71
C GLU A 62 12.07 -27.58 -1.99
N LYS A 63 10.77 -27.85 -2.23
CA LYS A 63 10.37 -28.52 -3.46
C LYS A 63 10.50 -27.62 -4.68
N GLU A 64 10.15 -26.34 -4.56
CA GLU A 64 10.42 -25.39 -5.64
C GLU A 64 11.91 -25.35 -5.96
N THR A 65 12.76 -25.30 -4.93
CA THR A 65 14.20 -25.28 -5.15
C THR A 65 14.66 -26.55 -5.87
N THR A 66 14.16 -27.71 -5.43
CA THR A 66 14.54 -28.97 -6.07
C THR A 66 14.19 -28.96 -7.56
N ASP A 67 12.96 -28.57 -7.91
CA ASP A 67 12.54 -28.61 -9.32
C ASP A 67 13.33 -27.63 -10.17
N LEU A 68 13.64 -26.45 -9.64
CA LEU A 68 14.34 -25.46 -10.44
C LEU A 68 15.83 -25.77 -10.56
N ARG A 69 16.42 -26.49 -9.60
CA ARG A 69 17.79 -26.95 -9.78
C ARG A 69 17.88 -27.97 -10.92
N ILE A 70 16.85 -28.79 -11.10
CA ILE A 70 16.82 -29.74 -12.21
C ILE A 70 16.71 -29.00 -13.54
N LYS A 71 15.83 -27.99 -13.60
CA LYS A 71 15.67 -27.22 -14.83
C LYS A 71 16.92 -26.40 -15.12
N GLU A 72 17.61 -25.93 -14.09
CA GLU A 72 18.87 -25.24 -14.31
C GLU A 72 19.85 -26.14 -15.07
N LYS A 73 20.02 -27.38 -14.61
CA LYS A 73 20.94 -28.29 -15.28
C LYS A 73 20.51 -28.58 -16.72
N LEU A 74 19.20 -28.71 -16.94
CA LEU A 74 18.68 -28.97 -18.28
C LEU A 74 18.96 -27.80 -19.22
N PHE A 75 18.69 -26.58 -18.75
CA PHE A 75 18.92 -25.40 -19.59
C PHE A 75 20.39 -25.25 -19.93
N LEU A 76 21.27 -25.44 -18.95
CA LEU A 76 22.69 -25.30 -19.24
C LEU A 76 23.19 -26.40 -20.16
N GLU A 77 22.64 -27.62 -20.06
CA GLU A 77 23.03 -28.68 -21.00
C GLU A 77 22.65 -28.35 -22.44
N ALA A 78 21.60 -27.55 -22.64
CA ALA A 78 21.14 -27.25 -24.00
C ALA A 78 22.22 -26.55 -24.82
N PHE A 79 23.01 -25.69 -24.19
CA PHE A 79 24.03 -24.93 -24.92
C PHE A 79 25.07 -25.86 -25.51
N LYS A 80 25.41 -26.94 -24.80
CA LYS A 80 26.38 -27.90 -25.32
C LYS A 80 25.85 -28.62 -26.55
N ALA A 81 24.53 -28.72 -26.70
CA ALA A 81 23.97 -29.37 -27.86
C ALA A 81 24.01 -28.51 -29.12
N LEU A 82 24.19 -27.21 -28.98
CA LEU A 82 24.10 -26.27 -30.10
C LEU A 82 25.43 -26.12 -30.84
N GLY A 83 25.33 -25.88 -32.14
CA GLY A 83 26.50 -25.81 -33.00
C GLY A 83 27.34 -24.53 -32.89
N GLY A 86 28.37 -19.09 -29.71
CA GLY A 86 27.18 -18.29 -29.46
C GLY A 86 27.40 -16.80 -29.68
N PRO A 87 26.98 -15.98 -28.71
CA PRO A 87 26.33 -16.36 -27.46
C PRO A 87 24.88 -16.78 -27.66
N TYR A 88 24.30 -17.50 -26.71
CA TYR A 88 22.90 -17.91 -26.80
C TYR A 88 22.13 -17.47 -25.58
N THR A 89 20.85 -17.17 -25.80
CA THR A 89 19.86 -17.03 -24.75
C THR A 89 18.81 -18.10 -24.97
N LEU A 90 18.49 -18.86 -23.93
CA LEU A 90 17.39 -19.82 -23.98
C LEU A 90 16.37 -19.45 -22.92
N GLN A 91 15.11 -19.32 -23.34
CA GLN A 91 14.04 -18.98 -22.42
C GLN A 91 12.97 -20.05 -22.45
N GLY A 92 12.28 -20.21 -21.33
CA GLY A 92 11.16 -21.12 -21.27
C GLY A 92 10.01 -20.48 -20.53
N LEU A 93 8.78 -20.74 -20.96
CA LEU A 93 7.59 -20.31 -20.24
C LEU A 93 6.83 -21.59 -19.90
N LEU A 94 6.81 -21.94 -18.62
CA LEU A 94 6.25 -23.22 -18.14
C LEU A 94 5.22 -22.94 -17.06
N GLY A 95 4.08 -23.62 -17.12
CA GLY A 95 3.14 -23.48 -16.01
C GLY A 95 1.76 -23.96 -16.41
N CYS A 96 0.76 -23.43 -15.72
CA CYS A 96 -0.58 -23.98 -15.86
C CYS A 96 -1.58 -22.92 -15.49
N GLU A 97 -2.83 -23.18 -15.88
CA GLU A 97 -3.95 -22.33 -15.57
C GLU A 97 -5.14 -23.25 -15.30
N LEU A 98 -5.91 -22.95 -14.26
CA LEU A 98 -7.17 -23.65 -14.06
C LEU A 98 -8.17 -23.11 -15.07
N GLY A 99 -8.64 -23.98 -15.96
CA GLY A 99 -9.58 -23.58 -16.99
C GLY A 99 -11.00 -23.91 -16.60
N PRO A 100 -11.94 -23.76 -17.53
CA PRO A 100 -13.33 -24.15 -17.23
C PRO A 100 -13.37 -25.64 -16.91
N ASP A 101 -14.34 -26.01 -16.08
CA ASP A 101 -14.53 -27.38 -15.61
C ASP A 101 -13.41 -27.84 -14.66
N ASN A 102 -12.70 -26.89 -14.06
CA ASN A 102 -11.80 -27.15 -12.92
C ASN A 102 -10.69 -28.13 -13.27
N THR A 103 -10.16 -28.05 -14.49
CA THR A 103 -9.02 -28.85 -14.87
C THR A 103 -7.86 -27.92 -15.21
N SER A 104 -6.66 -28.48 -15.24
CA SER A 104 -5.47 -27.68 -15.47
C SER A 104 -5.09 -27.71 -16.95
N VAL A 105 -4.69 -26.54 -17.44
CA VAL A 105 -4.28 -26.36 -18.83
C VAL A 105 -2.81 -25.97 -18.82
N PRO A 106 -1.93 -26.77 -19.41
CA PRO A 106 -0.50 -26.50 -19.33
C PRO A 106 0.02 -25.60 -20.46
N THR A 107 1.14 -24.93 -20.14
CA THR A 107 1.90 -24.11 -21.07
C THR A 107 3.34 -24.58 -21.01
N ALA A 108 3.98 -24.80 -22.16
CA ALA A 108 5.37 -25.24 -22.15
C ALA A 108 6.01 -24.84 -23.48
N LYS A 109 6.55 -23.62 -23.54
CA LYS A 109 7.12 -23.02 -24.75
C LYS A 109 8.54 -22.53 -24.46
N PHE A 110 9.36 -22.52 -25.50
CA PHE A 110 10.75 -22.12 -25.35
C PHE A 110 11.15 -21.24 -26.53
N ALA A 111 12.10 -20.36 -26.29
CA ALA A 111 12.62 -19.43 -27.28
C ALA A 111 14.13 -19.49 -27.28
N LEU A 112 14.72 -19.34 -28.46
CA LEU A 112 16.17 -19.30 -28.61
C LEU A 112 16.55 -17.96 -29.21
N ASN A 113 17.43 -17.24 -28.53
CA ASN A 113 17.79 -15.87 -28.92
C ASN A 113 16.54 -15.04 -29.20
N GLY A 114 15.51 -15.25 -28.40
CA GLY A 114 14.32 -14.43 -28.45
C GLY A 114 13.28 -14.83 -29.48
N GLU A 115 13.45 -15.98 -30.14
CA GLU A 115 12.49 -16.49 -31.11
C GLU A 115 11.92 -17.81 -30.62
N GLU A 116 10.58 -17.91 -30.60
CA GLU A 116 9.96 -19.17 -30.19
C GLU A 116 10.39 -20.28 -31.14
N PHE A 117 10.76 -21.45 -30.59
CA PHE A 117 11.34 -22.47 -31.45
C PHE A 117 11.07 -23.90 -30.96
N MET A 118 10.49 -24.07 -29.77
CA MET A 118 10.36 -25.41 -29.22
C MET A 118 9.17 -25.43 -28.25
N ASN A 119 8.53 -26.59 -28.13
CA ASN A 119 7.49 -26.77 -27.12
C ASN A 119 7.58 -28.18 -26.56
N PHE A 120 6.87 -28.41 -25.44
CA PHE A 120 6.73 -29.76 -24.90
C PHE A 120 5.35 -30.28 -25.25
N ASP A 121 5.29 -31.44 -25.92
CA ASP A 121 4.04 -32.07 -26.29
C ASP A 121 3.67 -33.04 -25.18
N LEU A 122 2.67 -32.68 -24.38
CA LEU A 122 2.34 -33.51 -23.23
C LEU A 122 1.74 -34.85 -23.64
N LYS A 123 1.13 -34.94 -24.83
CA LYS A 123 0.54 -36.19 -25.27
C LYS A 123 1.60 -37.25 -25.59
N GLN A 124 2.65 -36.84 -26.29
CA GLN A 124 3.77 -37.74 -26.59
C GLN A 124 4.87 -37.69 -25.53
N GLY A 125 4.83 -36.72 -24.61
CA GLY A 125 5.90 -36.57 -23.64
C GLY A 125 7.23 -36.21 -24.27
N THR A 126 7.22 -35.32 -25.25
CA THR A 126 8.39 -35.02 -26.05
C THR A 126 8.51 -33.53 -26.30
N TRP A 127 9.73 -33.03 -26.32
CA TRP A 127 10.01 -31.69 -26.82
C TRP A 127 10.12 -31.72 -28.33
N GLY A 128 9.59 -30.67 -28.98
CA GLY A 128 9.61 -30.65 -30.44
C GLY A 128 9.66 -29.24 -30.99
N GLY A 129 9.97 -29.16 -32.28
CA GLY A 129 10.04 -27.90 -32.98
C GLY A 129 10.64 -28.15 -34.35
N ASP A 130 10.52 -27.16 -35.23
CA ASP A 130 10.98 -27.33 -36.59
C ASP A 130 12.49 -27.11 -36.75
N TRP A 131 13.05 -26.18 -35.98
CA TRP A 131 14.43 -25.81 -36.21
C TRP A 131 15.36 -26.97 -35.87
N PRO A 132 16.50 -27.07 -36.57
CA PRO A 132 17.51 -28.06 -36.16
C PRO A 132 17.99 -27.86 -34.74
N GLU A 133 18.02 -26.61 -34.25
CA GLU A 133 18.40 -26.35 -32.86
C GLU A 133 17.38 -26.94 -31.90
N ALA A 134 16.09 -26.91 -32.27
CA ALA A 134 15.08 -27.53 -31.42
C ALA A 134 15.21 -29.05 -31.44
N LEU A 135 15.44 -29.65 -32.61
CA LEU A 135 15.70 -31.08 -32.66
C LEU A 135 16.89 -31.45 -31.80
N ALA A 136 17.97 -30.66 -31.88
CA ALA A 136 19.18 -30.98 -31.15
C ALA A 136 18.95 -30.90 -29.64
N ILE A 137 18.37 -29.79 -29.16
CA ILE A 137 18.12 -29.67 -27.72
C ILE A 137 17.10 -30.71 -27.28
N SER A 138 16.06 -30.92 -28.08
CA SER A 138 15.06 -31.93 -27.71
C SER A 138 15.70 -33.30 -27.55
N GLN A 139 16.57 -33.70 -28.49
CA GLN A 139 17.19 -35.02 -28.39
C GLN A 139 18.07 -35.12 -27.17
N ARG A 140 18.82 -34.06 -26.85
CA ARG A 140 19.66 -34.07 -25.67
CA ARG A 140 19.66 -34.07 -25.67
C ARG A 140 18.82 -34.22 -24.40
N TRP A 141 17.71 -33.50 -24.32
CA TRP A 141 16.83 -33.62 -23.16
C TRP A 141 16.12 -34.98 -23.16
N GLN A 142 15.60 -35.39 -24.32
CA GLN A 142 14.92 -36.67 -24.40
CA GLN A 142 14.94 -36.68 -24.47
C GLN A 142 15.85 -37.82 -24.03
N GLN A 143 17.16 -37.67 -24.25
CA GLN A 143 18.09 -38.75 -23.93
C GLN A 143 18.42 -38.79 -22.45
N GLN A 144 18.29 -37.68 -21.73
CA GLN A 144 18.59 -37.70 -20.30
C GLN A 144 17.50 -38.44 -19.54
N ASP A 145 17.91 -39.40 -18.71
CA ASP A 145 16.99 -40.29 -18.03
C ASP A 145 16.04 -39.52 -17.10
N LYS A 146 14.74 -39.78 -17.27
CA LYS A 146 13.63 -39.24 -16.46
C LYS A 146 13.35 -37.76 -16.70
N ALA A 147 14.01 -37.13 -17.66
CA ALA A 147 13.79 -35.70 -17.87
C ALA A 147 12.39 -35.43 -18.41
N ALA A 148 11.94 -36.21 -19.40
CA ALA A 148 10.60 -36.02 -19.93
C ALA A 148 9.56 -36.33 -18.87
N ASN A 149 9.79 -37.38 -18.08
CA ASN A 149 8.88 -37.73 -16.99
C ASN A 149 8.76 -36.60 -15.98
N LYS A 150 9.91 -36.02 -15.60
CA LYS A 150 9.89 -34.92 -14.64
C LYS A 150 9.17 -33.71 -15.20
N GLU A 151 9.33 -33.46 -16.50
CA GLU A 151 8.65 -32.34 -17.13
C GLU A 151 7.14 -32.58 -17.15
N LEU A 152 6.71 -33.81 -17.44
CA LEU A 152 5.28 -34.14 -17.37
C LEU A 152 4.72 -33.96 -15.98
N THR A 153 5.44 -34.45 -14.96
CA THR A 153 4.98 -34.32 -13.59
C THR A 153 4.91 -32.85 -13.18
N PHE A 154 5.89 -32.05 -13.60
CA PHE A 154 5.92 -30.63 -13.27
C PHE A 154 4.70 -29.91 -13.81
N LEU A 155 4.29 -30.24 -15.05
CA LEU A 155 3.19 -29.53 -15.70
C LEU A 155 1.83 -30.08 -15.32
N LEU A 156 1.68 -31.39 -15.22
CA LEU A 156 0.37 -31.99 -15.01
C LEU A 156 -0.02 -32.13 -13.55
N PHE A 157 0.96 -32.09 -12.65
CA PHE A 157 0.68 -32.37 -11.25
C PHE A 157 1.24 -31.30 -10.32
N SER A 158 2.54 -31.04 -10.40
CA SER A 158 3.15 -30.09 -9.47
C SER A 158 2.60 -28.68 -9.66
N CYS A 159 2.50 -28.20 -10.91
CA CYS A 159 2.00 -26.85 -11.12
CA CYS A 159 2.00 -26.85 -11.13
C CYS A 159 0.57 -26.66 -10.66
N PRO A 160 -0.41 -27.49 -11.05
CA PRO A 160 -1.77 -27.26 -10.52
C PRO A 160 -1.87 -27.44 -9.03
N HIS A 161 -1.10 -28.37 -8.45
CA HIS A 161 -1.06 -28.53 -7.00
C HIS A 161 -0.60 -27.23 -6.33
N ARG A 162 0.49 -26.65 -6.82
CA ARG A 162 1.00 -25.40 -6.27
C ARG A 162 -0.01 -24.27 -6.44
N LEU A 163 -0.59 -24.18 -7.64
CA LEU A 163 -1.59 -23.14 -7.91
C LEU A 163 -2.75 -23.23 -6.94
N ARG A 164 -3.19 -24.47 -6.65
CA ARG A 164 -4.28 -24.65 -5.70
C ARG A 164 -3.84 -24.32 -4.28
N GLU A 165 -2.59 -24.64 -3.93
CA GLU A 165 -2.08 -24.28 -2.61
C GLU A 165 -2.02 -22.78 -2.42
N HIS A 166 -1.75 -22.04 -3.50
CA HIS A 166 -1.72 -20.59 -3.40
C HIS A 166 -3.11 -19.98 -3.33
N LEU A 167 -4.06 -20.54 -4.10
CA LEU A 167 -5.45 -20.09 -3.96
C LEU A 167 -6.02 -20.39 -2.58
N GLU A 168 -5.44 -21.34 -1.86
CA GLU A 168 -5.95 -21.70 -0.54
C GLU A 168 -5.32 -20.93 0.60
N ARG A 169 -4.07 -20.47 0.45
CA ARG A 169 -3.39 -19.76 1.52
C ARG A 169 -3.03 -18.32 1.19
N GLY A 170 -3.06 -17.91 -0.07
CA GLY A 170 -2.68 -16.57 -0.44
C GLY A 170 -3.70 -15.84 -1.29
N ARG A 171 -4.95 -16.33 -1.30
CA ARG A 171 -5.98 -15.70 -2.11
C ARG A 171 -6.18 -14.24 -1.75
N GLY A 172 -5.92 -13.86 -0.49
CA GLY A 172 -6.02 -12.45 -0.12
C GLY A 172 -5.13 -11.56 -0.95
N ASN A 173 -3.90 -12.02 -1.23
CA ASN A 173 -3.01 -11.24 -2.09
C ASN A 173 -3.66 -10.94 -3.43
N LEU A 174 -4.42 -11.89 -3.97
CA LEU A 174 -5.00 -11.72 -5.29
C LEU A 174 -6.28 -10.90 -5.26
N GLU A 175 -6.88 -10.73 -4.08
CA GLU A 175 -8.10 -9.95 -3.92
C GLU A 175 -7.82 -8.50 -3.55
N TRP A 176 -6.56 -8.13 -3.43
CA TRP A 176 -6.12 -6.74 -3.29
C TRP A 176 -6.85 -5.82 -4.28
N LYS A 177 -7.43 -4.73 -3.77
CA LYS A 177 -8.00 -3.70 -4.64
C LYS A 177 -7.46 -2.36 -4.21
N GLU A 178 -6.67 -1.72 -5.07
CA GLU A 178 -6.08 -0.43 -4.78
C GLU A 178 -6.46 0.50 -5.92
N PRO A 179 -7.41 1.39 -5.72
CA PRO A 179 -7.83 2.28 -6.82
C PRO A 179 -6.74 3.28 -7.14
N PRO A 180 -6.70 3.79 -8.37
CA PRO A 180 -5.61 4.69 -8.76
C PRO A 180 -5.80 6.09 -8.22
N SER A 181 -4.68 6.76 -7.94
CA SER A 181 -4.66 8.20 -7.73
C SER A 181 -4.40 8.86 -9.08
N MET A 182 -5.23 9.84 -9.43
CA MET A 182 -5.29 10.34 -10.80
C MET A 182 -4.76 11.76 -10.88
N ARG A 183 -4.09 12.07 -11.99
CA ARG A 183 -3.66 13.43 -12.28
C ARG A 183 -3.93 13.71 -13.75
N LEU A 184 -4.45 14.89 -14.06
CA LEU A 184 -4.62 15.34 -15.44
C LEU A 184 -3.92 16.69 -15.58
N LYS A 185 -2.92 16.75 -16.44
CA LYS A 185 -2.11 17.97 -16.55
C LYS A 185 -1.77 18.23 -18.01
N ALA A 186 -1.61 19.50 -18.34
CA ALA A 186 -1.22 19.92 -19.69
C ALA A 186 0.16 20.56 -19.67
N ARG A 187 0.93 20.34 -20.74
CA ARG A 187 2.18 21.05 -20.90
C ARG A 187 2.28 21.62 -22.31
N PRO A 188 2.94 22.76 -22.48
CA PRO A 188 3.12 23.30 -23.84
C PRO A 188 3.97 22.35 -24.67
N SER A 189 3.69 22.34 -25.97
CA SER A 189 4.41 21.49 -26.90
C SER A 189 4.91 22.37 -28.05
N SER A 190 4.92 21.85 -29.28
CA SER A 190 5.28 22.68 -30.41
C SER A 190 4.30 23.85 -30.52
N PRO A 191 4.69 24.93 -31.21
CA PRO A 191 3.84 26.13 -31.24
C PRO A 191 2.40 25.84 -31.68
N GLY A 192 1.45 26.39 -30.92
CA GLY A 192 0.04 26.16 -31.16
C GLY A 192 -0.53 24.91 -30.52
N PHE A 193 0.28 24.11 -29.83
CA PHE A 193 -0.19 22.84 -29.32
C PHE A 193 0.27 22.62 -27.89
N SER A 194 -0.56 21.89 -27.13
CA SER A 194 -0.16 21.38 -25.84
C SER A 194 -0.34 19.87 -25.82
N VAL A 195 0.30 19.23 -24.87
CA VAL A 195 0.12 17.81 -24.63
C VAL A 195 -0.62 17.64 -23.31
N LEU A 196 -1.73 16.91 -23.36
CA LEU A 196 -2.53 16.62 -22.19
CA LEU A 196 -2.53 16.61 -22.18
C LEU A 196 -2.20 15.21 -21.71
N THR A 197 -1.93 15.05 -20.41
CA THR A 197 -1.55 13.74 -19.90
C THR A 197 -2.42 13.37 -18.70
N CYS A 198 -3.07 12.22 -18.81
CA CYS A 198 -3.86 11.64 -17.72
C CYS A 198 -3.03 10.49 -17.13
N SER A 199 -2.70 10.58 -15.84
CA SER A 199 -1.84 9.57 -15.23
C SER A 199 -2.52 8.94 -14.03
N ALA A 200 -2.34 7.63 -13.88
CA ALA A 200 -2.95 6.79 -12.86
C ALA A 200 -1.83 6.16 -12.05
N PHE A 201 -1.78 6.45 -10.75
CA PHE A 201 -0.69 6.03 -9.89
C PHE A 201 -1.11 4.94 -8.92
N SER A 202 -0.23 3.95 -8.74
CA SER A 202 -0.30 2.99 -7.63
CA SER A 202 -0.30 3.00 -7.62
C SER A 202 -1.67 2.32 -7.53
N PHE A 203 -1.98 1.51 -8.55
CA PHE A 203 -3.26 0.79 -8.57
C PHE A 203 -3.07 -0.71 -8.75
N TYR A 204 -4.11 -1.47 -8.37
CA TYR A 204 -4.09 -2.92 -8.49
C TYR A 204 -5.55 -3.35 -8.45
N PRO A 205 -5.99 -4.29 -9.30
CA PRO A 205 -5.27 -5.06 -10.34
C PRO A 205 -4.85 -4.21 -11.53
N PRO A 206 -4.05 -4.78 -12.44
CA PRO A 206 -3.48 -3.96 -13.51
C PRO A 206 -4.46 -3.52 -14.57
N GLU A 207 -5.64 -4.15 -14.69
CA GLU A 207 -6.56 -3.77 -15.76
C GLU A 207 -7.12 -2.38 -15.50
N LEU A 208 -6.98 -1.49 -16.48
CA LEU A 208 -7.38 -0.10 -16.31
C LEU A 208 -7.58 0.50 -17.68
N GLN A 209 -8.60 1.35 -17.82
CA GLN A 209 -8.87 2.04 -19.07
C GLN A 209 -8.83 3.53 -18.83
N LEU A 210 -8.11 4.25 -19.70
CA LEU A 210 -8.09 5.71 -19.72
C LEU A 210 -8.63 6.18 -21.06
N ARG A 211 -9.47 7.23 -21.02
CA ARG A 211 -10.13 7.77 -22.21
C ARG A 211 -10.21 9.27 -22.05
N PHE A 212 -10.19 9.98 -23.17
CA PHE A 212 -10.39 11.42 -23.16
C PHE A 212 -11.75 11.78 -23.74
N LEU A 213 -12.37 12.80 -23.14
CA LEU A 213 -13.54 13.45 -23.71
C LEU A 213 -13.20 14.90 -24.00
N ARG A 214 -13.84 15.44 -25.04
CA ARG A 214 -13.80 16.87 -25.32
C ARG A 214 -15.23 17.37 -25.35
N ASN A 215 -15.54 18.32 -24.48
CA ASN A 215 -16.92 18.79 -24.28
C ASN A 215 -17.88 17.60 -24.16
N GLY A 216 -17.48 16.61 -23.37
CA GLY A 216 -18.28 15.43 -23.14
C GLY A 216 -18.33 14.42 -24.26
N LEU A 217 -17.78 14.73 -25.43
CA LEU A 217 -17.79 13.81 -26.56
C LEU A 217 -16.48 13.02 -26.58
N ALA A 218 -16.56 11.80 -27.13
CA ALA A 218 -15.38 10.96 -27.21
C ALA A 218 -14.27 11.66 -27.98
N ALA A 219 -13.07 11.66 -27.40
CA ALA A 219 -11.91 12.29 -28.00
C ALA A 219 -10.75 11.32 -28.22
N GLY A 220 -10.96 10.04 -27.96
CA GLY A 220 -9.94 9.04 -28.21
C GLY A 220 -9.35 8.49 -26.92
N THR A 221 -8.54 7.46 -27.08
CA THR A 221 -7.86 6.88 -25.94
C THR A 221 -6.56 7.60 -25.61
N GLY A 222 -6.04 8.42 -26.53
CA GLY A 222 -4.70 8.96 -26.33
C GLY A 222 -3.67 7.85 -26.52
N GLN A 223 -2.40 8.22 -26.38
CA GLN A 223 -1.29 7.27 -26.52
C GLN A 223 -0.87 6.83 -25.13
N GLY A 224 -1.02 5.54 -24.85
CA GLY A 224 -0.93 5.02 -23.51
C GLY A 224 0.39 4.32 -23.22
N ASP A 225 0.78 4.38 -21.95
CA ASP A 225 1.93 3.67 -21.43
C ASP A 225 1.52 3.01 -20.11
N PHE A 226 2.19 1.92 -19.77
CA PHE A 226 1.82 1.13 -18.61
C PHE A 226 3.10 0.53 -18.02
N GLY A 227 3.18 0.47 -16.69
CA GLY A 227 4.34 -0.14 -16.05
C GLY A 227 4.10 -0.46 -14.58
N PRO A 228 4.98 -1.28 -13.98
CA PRO A 228 4.85 -1.62 -12.56
C PRO A 228 5.51 -0.61 -11.63
N ASN A 229 5.11 -0.68 -10.36
CA ASN A 229 5.88 -0.12 -9.26
C ASN A 229 6.56 -1.25 -8.50
N SER A 230 7.48 -0.89 -7.61
CA SER A 230 8.29 -1.92 -6.98
C SER A 230 7.52 -2.80 -6.00
N ASP A 231 6.29 -2.43 -5.64
CA ASP A 231 5.48 -3.31 -4.79
C ASP A 231 4.54 -4.20 -5.58
N GLY A 232 4.61 -4.16 -6.91
CA GLY A 232 3.67 -4.94 -7.69
C GLY A 232 2.35 -4.26 -7.92
N SER A 233 2.17 -3.03 -7.44
CA SER A 233 1.10 -2.21 -7.98
C SER A 233 1.54 -1.66 -9.34
N PHE A 234 0.66 -0.88 -9.97
CA PHE A 234 0.90 -0.47 -11.35
C PHE A 234 0.69 1.04 -11.54
N HIS A 235 1.15 1.47 -12.70
CA HIS A 235 1.17 2.86 -13.13
C HIS A 235 0.72 2.90 -14.58
N ALA A 236 -0.04 3.93 -14.95
CA ALA A 236 -0.46 4.08 -16.34
C ALA A 236 -0.59 5.55 -16.69
N SER A 237 -0.43 5.84 -17.98
CA SER A 237 -0.56 7.20 -18.46
CA SER A 237 -0.63 7.20 -18.44
C SER A 237 -1.09 7.17 -19.89
N SER A 238 -1.86 8.20 -20.25
CA SER A 238 -2.26 8.39 -21.63
C SER A 238 -2.14 9.86 -21.97
N SER A 239 -1.63 10.17 -23.16
CA SER A 239 -1.34 11.54 -23.52
C SER A 239 -1.96 11.86 -24.88
N LEU A 240 -2.42 13.11 -25.02
CA LEU A 240 -3.15 13.53 -26.21
C LEU A 240 -2.64 14.89 -26.64
N THR A 241 -2.36 15.07 -27.93
CA THR A 241 -2.02 16.40 -28.42
C THR A 241 -3.31 17.18 -28.64
N VAL A 242 -3.37 18.40 -28.12
CA VAL A 242 -4.53 19.26 -28.28
C VAL A 242 -4.03 20.66 -28.65
N LYS A 243 -4.92 21.45 -29.22
CA LYS A 243 -4.57 22.83 -29.56
C LYS A 243 -4.44 23.67 -28.29
N SER A 244 -3.45 24.55 -28.26
CA SER A 244 -3.19 25.29 -27.04
C SER A 244 -4.29 26.32 -26.78
N GLY A 245 -4.64 26.49 -25.52
CA GLY A 245 -5.81 27.27 -25.16
C GLY A 245 -7.11 26.48 -25.16
N ASP A 246 -7.12 25.30 -25.75
CA ASP A 246 -8.29 24.43 -25.79
C ASP A 246 -8.26 23.35 -24.71
N GLU A 247 -7.24 23.37 -23.84
CA GLU A 247 -7.05 22.28 -22.90
C GLU A 247 -8.23 22.10 -21.95
N HIS A 248 -8.91 23.19 -21.61
CA HIS A 248 -9.93 23.10 -20.58
C HIS A 248 -11.26 22.54 -21.08
N HIS A 249 -11.37 22.22 -22.36
CA HIS A 249 -12.54 21.52 -22.87
C HIS A 249 -12.41 20.00 -22.76
N TYR A 250 -11.29 19.51 -22.24
CA TYR A 250 -11.03 18.09 -22.13
C TYR A 250 -11.11 17.62 -20.69
N CYS A 251 -11.48 16.35 -20.53
CA CYS A 251 -11.31 15.64 -19.27
C CYS A 251 -10.88 14.23 -19.62
N CYS A 252 -10.51 13.47 -18.60
CA CYS A 252 -10.10 12.09 -18.70
CA CYS A 252 -10.20 12.07 -18.81
C CYS A 252 -11.04 11.23 -17.87
N ILE A 253 -11.38 10.03 -18.37
CA ILE A 253 -12.25 9.11 -17.65
C ILE A 253 -11.43 7.86 -17.36
N VAL A 254 -11.45 7.39 -16.12
CA VAL A 254 -10.73 6.18 -15.77
C VAL A 254 -11.74 5.13 -15.31
N GLN A 255 -11.54 3.89 -15.75
CA GLN A 255 -12.29 2.74 -15.27
C GLN A 255 -11.29 1.75 -14.67
N HIS A 256 -11.62 1.26 -13.47
CA HIS A 256 -10.73 0.33 -12.80
C HIS A 256 -11.58 -0.49 -11.82
N ALA A 257 -11.21 -1.77 -11.64
CA ALA A 257 -11.98 -2.68 -10.79
C ALA A 257 -12.16 -2.14 -9.38
N GLY A 258 -11.27 -1.28 -8.92
CA GLY A 258 -11.44 -0.67 -7.61
C GLY A 258 -12.50 0.41 -7.55
N LEU A 259 -12.99 0.88 -8.70
CA LEU A 259 -13.99 1.94 -8.78
C LEU A 259 -15.30 1.35 -9.33
N ALA A 260 -16.37 1.45 -8.54
CA ALA A 260 -17.65 0.91 -8.97
C ALA A 260 -18.17 1.58 -10.24
N GLN A 261 -17.84 2.85 -10.43
CA GLN A 261 -18.23 3.64 -11.59
C GLN A 261 -17.01 4.28 -12.22
N PRO A 262 -17.06 4.61 -13.52
CA PRO A 262 -15.97 5.38 -14.11
C PRO A 262 -15.81 6.72 -13.39
N LEU A 263 -14.58 7.19 -13.31
CA LEU A 263 -14.25 8.42 -12.59
C LEU A 263 -13.81 9.49 -13.57
N ARG A 264 -14.49 10.64 -13.56
CA ARG A 264 -14.09 11.76 -14.41
C ARG A 264 -13.03 12.60 -13.72
N VAL A 265 -11.94 12.88 -14.44
CA VAL A 265 -10.81 13.63 -13.91
C VAL A 265 -10.69 14.91 -14.71
N GLU A 266 -10.74 16.06 -14.03
CA GLU A 266 -10.57 17.38 -14.66
C GLU A 266 -9.15 17.90 -14.45
N LEU A 267 -8.80 18.90 -15.25
CA LEU A 267 -7.52 19.59 -15.08
C LEU A 267 -7.39 20.20 -13.68
N ILE B 1 17.41 -12.63 -32.26
CA ILE B 1 17.12 -11.28 -32.74
C ILE B 1 17.40 -10.24 -31.66
N GLN B 2 17.47 -8.99 -32.06
CA GLN B 2 17.69 -7.88 -31.14
C GLN B 2 16.46 -6.98 -31.15
N ARG B 3 16.14 -6.44 -29.97
CA ARG B 3 14.99 -5.55 -29.78
C ARG B 3 15.46 -4.41 -28.90
N THR B 4 15.15 -3.20 -29.31
CA THR B 4 15.64 -2.06 -28.56
C THR B 4 14.69 -1.74 -27.40
N PRO B 5 15.21 -1.28 -26.26
CA PRO B 5 14.36 -1.07 -25.09
C PRO B 5 13.43 0.12 -25.26
N LYS B 6 12.22 -0.03 -24.71
CA LYS B 6 11.35 1.10 -24.41
C LYS B 6 11.62 1.58 -22.98
N ILE B 7 11.61 2.89 -22.78
CA ILE B 7 12.02 3.47 -21.50
C ILE B 7 10.92 4.38 -21.00
N GLN B 8 10.47 4.14 -19.76
CA GLN B 8 9.45 4.92 -19.09
C GLN B 8 9.99 5.38 -17.74
N VAL B 9 9.75 6.66 -17.42
CA VAL B 9 10.20 7.23 -16.15
C VAL B 9 8.98 7.87 -15.48
N TYR B 10 8.68 7.45 -14.26
CA TYR B 10 7.51 7.97 -13.56
C TYR B 10 7.71 7.78 -12.06
N SER B 11 6.99 8.57 -11.28
CA SER B 11 7.03 8.39 -9.83
C SER B 11 5.95 7.41 -9.37
N ARG B 12 6.17 6.82 -8.19
CA ARG B 12 5.24 5.84 -7.66
C ARG B 12 3.93 6.48 -7.26
N HIS B 13 4.01 7.64 -6.63
CA HIS B 13 2.87 8.45 -6.23
C HIS B 13 2.92 9.77 -6.96
N PRO B 14 1.81 10.49 -7.04
CA PRO B 14 1.85 11.81 -7.67
C PRO B 14 2.86 12.69 -6.95
N ALA B 15 3.65 13.42 -7.73
CA ALA B 15 4.77 14.15 -7.15
C ALA B 15 4.27 15.38 -6.40
N GLU B 16 4.79 15.57 -5.19
CA GLU B 16 4.55 16.76 -4.41
C GLU B 16 5.90 17.21 -3.86
N ASN B 17 6.29 18.45 -4.16
CA ASN B 17 7.58 18.94 -3.70
C ASN B 17 7.67 18.83 -2.18
N GLY B 18 8.78 18.28 -1.71
CA GLY B 18 8.99 18.14 -0.28
C GLY B 18 8.47 16.87 0.33
N LYS B 19 7.76 16.04 -0.43
CA LYS B 19 7.22 14.77 0.06
C LYS B 19 8.03 13.61 -0.51
N SER B 20 8.45 12.69 0.37
CA SER B 20 9.20 11.52 -0.07
CA SER B 20 9.21 11.54 -0.09
C SER B 20 8.36 10.68 -1.01
N ASN B 21 9.02 10.06 -1.98
CA ASN B 21 8.38 9.35 -3.09
C ASN B 21 9.39 8.35 -3.61
N PHE B 22 9.02 7.60 -4.66
CA PHE B 22 9.96 6.76 -5.40
C PHE B 22 9.95 7.16 -6.87
N LEU B 23 11.14 7.21 -7.46
CA LEU B 23 11.29 7.41 -8.90
C LEU B 23 11.55 6.07 -9.58
N ASN B 24 10.80 5.77 -10.63
CA ASN B 24 10.90 4.50 -11.37
C ASN B 24 11.46 4.74 -12.76
N CYS B 25 12.32 3.85 -13.20
CA CYS B 25 12.69 3.76 -14.61
C CYS B 25 12.37 2.34 -15.02
N TYR B 26 11.36 2.19 -15.86
CA TYR B 26 10.88 0.90 -16.33
C TYR B 26 11.36 0.70 -17.76
N VAL B 27 12.16 -0.33 -17.95
CA VAL B 27 12.76 -0.63 -19.25
CA VAL B 27 12.76 -0.63 -19.25
C VAL B 27 12.20 -1.97 -19.73
N SER B 28 11.68 -1.98 -20.96
CA SER B 28 10.95 -3.16 -21.42
C SER B 28 11.16 -3.37 -22.91
N GLY B 29 10.71 -4.52 -23.39
CA GLY B 29 10.73 -4.82 -24.81
C GLY B 29 12.10 -5.06 -25.42
N PHE B 30 13.12 -5.39 -24.64
CA PHE B 30 14.47 -5.47 -25.17
C PHE B 30 15.00 -6.92 -25.23
N HIS B 31 15.96 -7.11 -26.12
CA HIS B 31 16.64 -8.40 -26.29
C HIS B 31 17.97 -8.13 -26.99
N PRO B 32 19.09 -8.71 -26.53
CA PRO B 32 19.26 -9.64 -25.41
C PRO B 32 19.14 -8.99 -24.02
N SER B 33 19.36 -9.78 -22.97
CA SER B 33 19.01 -9.36 -21.62
C SER B 33 20.02 -8.41 -20.98
N ASP B 34 21.25 -8.33 -21.50
CA ASP B 34 22.26 -7.48 -20.89
C ASP B 34 21.91 -6.02 -21.12
N ILE B 35 21.83 -5.25 -20.04
CA ILE B 35 21.43 -3.86 -20.15
C ILE B 35 21.99 -3.10 -18.96
N GLU B 36 22.27 -1.82 -19.16
CA GLU B 36 22.80 -0.94 -18.12
C GLU B 36 21.85 0.24 -17.94
N VAL B 37 21.49 0.51 -16.70
CA VAL B 37 20.48 1.52 -16.40
C VAL B 37 20.99 2.36 -15.23
N ASP B 38 21.04 3.68 -15.41
CA ASP B 38 21.35 4.60 -14.34
C ASP B 38 20.22 5.60 -14.18
N LEU B 39 19.93 5.98 -12.95
CA LEU B 39 19.07 7.11 -12.65
C LEU B 39 19.95 8.33 -12.37
N LEU B 40 19.52 9.49 -12.83
CA LEU B 40 20.35 10.68 -12.78
C LEU B 40 19.61 11.80 -12.07
N LYS B 41 20.33 12.57 -11.26
CA LYS B 41 19.79 13.74 -10.58
C LYS B 41 20.56 14.96 -11.06
N ASN B 42 19.89 15.83 -11.82
CA ASN B 42 20.53 16.94 -12.51
C ASN B 42 21.79 16.47 -13.25
N GLY B 43 21.71 15.30 -13.85
CA GLY B 43 22.81 14.76 -14.63
C GLY B 43 23.82 13.95 -13.86
N GLU B 44 23.74 13.88 -12.54
CA GLU B 44 24.68 13.09 -11.74
C GLU B 44 24.10 11.72 -11.43
N ARG B 45 24.94 10.69 -11.53
CA ARG B 45 24.46 9.34 -11.26
C ARG B 45 24.02 9.20 -9.81
N ILE B 46 22.86 8.59 -9.59
CA ILE B 46 22.32 8.32 -8.26
C ILE B 46 22.83 6.97 -7.77
N GLU B 47 23.40 6.94 -6.57
CA GLU B 47 24.06 5.74 -6.07
C GLU B 47 23.08 4.73 -5.46
N LYS B 48 22.11 5.19 -4.68
CA LYS B 48 21.23 4.26 -3.96
C LYS B 48 20.02 3.95 -4.84
N VAL B 49 20.20 2.96 -5.72
CA VAL B 49 19.18 2.58 -6.69
C VAL B 49 18.97 1.08 -6.58
N GLU B 50 17.71 0.65 -6.50
CA GLU B 50 17.34 -0.75 -6.43
CA GLU B 50 17.35 -0.76 -6.44
C GLU B 50 16.77 -1.20 -7.78
N HIS B 51 16.68 -2.52 -7.97
CA HIS B 51 16.01 -2.96 -9.20
C HIS B 51 15.30 -4.29 -8.95
N SER B 52 14.31 -4.55 -9.80
CA SER B 52 13.60 -5.81 -9.82
C SER B 52 14.45 -6.92 -10.45
N ASP B 53 13.92 -8.14 -10.38
CA ASP B 53 14.42 -9.21 -11.23
C ASP B 53 14.21 -8.85 -12.70
N LEU B 54 15.00 -9.50 -13.54
CA LEU B 54 14.85 -9.41 -14.99
C LEU B 54 13.82 -10.44 -15.40
N SER B 55 12.71 -10.00 -15.95
CA SER B 55 11.66 -10.90 -16.36
C SER B 55 11.43 -10.73 -17.86
N PHE B 56 10.42 -11.41 -18.39
CA PHE B 56 10.12 -11.24 -19.80
C PHE B 56 8.65 -11.47 -20.09
N SER B 57 8.20 -10.90 -21.20
CA SER B 57 6.82 -10.88 -21.62
C SER B 57 6.50 -12.07 -22.53
N LYS B 58 5.24 -12.15 -22.95
CA LYS B 58 4.80 -13.24 -23.81
C LYS B 58 5.55 -13.28 -25.14
N ASP B 59 6.00 -12.13 -25.64
CA ASP B 59 6.77 -12.12 -26.88
C ASP B 59 8.26 -12.36 -26.65
N TRP B 60 8.65 -12.76 -25.44
CA TRP B 60 9.98 -13.18 -25.02
C TRP B 60 10.90 -11.99 -24.75
N SER B 61 10.46 -10.76 -24.99
CA SER B 61 11.31 -9.60 -24.72
C SER B 61 11.39 -9.34 -23.22
N PHE B 62 12.52 -8.82 -22.77
CA PHE B 62 12.80 -8.66 -21.34
C PHE B 62 12.28 -7.34 -20.80
N TYR B 63 12.05 -7.32 -19.47
CA TYR B 63 11.73 -6.07 -18.81
C TYR B 63 12.29 -6.09 -17.40
N LEU B 64 12.42 -4.89 -16.84
CA LEU B 64 12.90 -4.76 -15.48
CA LEU B 64 13.12 -4.69 -15.57
C LEU B 64 12.70 -3.33 -15.02
N LEU B 65 12.62 -3.21 -13.70
CA LEU B 65 12.26 -1.95 -13.04
C LEU B 65 13.41 -1.50 -12.16
N TYR B 66 13.87 -0.27 -12.37
CA TYR B 66 14.83 0.39 -11.49
C TYR B 66 14.09 1.47 -10.72
N TYR B 67 14.40 1.59 -9.42
CA TYR B 67 13.66 2.53 -8.60
C TYR B 67 14.54 3.04 -7.45
N THR B 68 14.25 4.27 -7.02
CA THR B 68 15.01 4.89 -5.95
C THR B 68 14.11 5.83 -5.15
N GLU B 69 14.36 5.89 -3.85
CA GLU B 69 13.63 6.82 -3.00
C GLU B 69 14.14 8.24 -3.23
N PHE B 70 13.23 9.18 -3.40
CA PHE B 70 13.65 10.57 -3.57
C PHE B 70 12.57 11.51 -3.07
N THR B 71 12.98 12.75 -2.87
CA THR B 71 12.03 13.81 -2.51
C THR B 71 12.09 14.86 -3.62
N PRO B 72 11.07 14.97 -4.45
CA PRO B 72 11.10 15.98 -5.50
C PRO B 72 11.08 17.40 -4.94
N THR B 73 11.77 18.29 -5.63
CA THR B 73 11.74 19.73 -5.40
C THR B 73 11.32 20.41 -6.70
N GLU B 74 11.15 21.73 -6.64
CA GLU B 74 10.71 22.44 -7.84
C GLU B 74 11.78 22.38 -8.93
N LYS B 75 13.06 22.55 -8.56
CA LYS B 75 14.11 22.78 -9.54
C LYS B 75 14.87 21.54 -9.95
N ASP B 76 14.85 20.47 -9.16
CA ASP B 76 15.66 19.29 -9.49
C ASP B 76 15.09 18.55 -10.69
N GLU B 77 15.98 18.17 -11.60
CA GLU B 77 15.60 17.39 -12.77
C GLU B 77 16.15 15.96 -12.64
N TYR B 78 15.34 14.98 -13.02
CA TYR B 78 15.75 13.60 -12.97
C TYR B 78 15.63 12.99 -14.35
N ALA B 79 16.39 11.92 -14.57
CA ALA B 79 16.42 11.24 -15.86
C ALA B 79 16.86 9.81 -15.66
N CYS B 80 16.59 9.00 -16.67
CA CYS B 80 17.03 7.62 -16.71
C CYS B 80 17.93 7.43 -17.93
N ARG B 81 19.11 6.84 -17.73
CA ARG B 81 20.09 6.67 -18.81
C ARG B 81 20.29 5.18 -19.06
N VAL B 82 20.06 4.75 -20.29
CA VAL B 82 20.03 3.33 -20.62
C VAL B 82 21.06 3.05 -21.71
N ASN B 83 21.81 1.97 -21.53
CA ASN B 83 22.69 1.49 -22.59
C ASN B 83 22.37 0.02 -22.89
N HIS B 84 22.42 -0.32 -24.17
CA HIS B 84 22.02 -1.62 -24.67
C HIS B 84 22.67 -1.76 -26.04
N VAL B 85 22.87 -3.01 -26.46
CA VAL B 85 23.65 -3.23 -27.68
C VAL B 85 22.94 -2.67 -28.91
N THR B 86 21.61 -2.49 -28.84
CA THR B 86 20.86 -1.93 -29.96
C THR B 86 20.99 -0.42 -30.08
N LEU B 87 21.58 0.25 -29.10
CA LEU B 87 21.67 1.71 -29.07
C LEU B 87 23.06 2.17 -29.50
N SER B 88 23.09 3.16 -30.41
CA SER B 88 24.37 3.73 -30.85
C SER B 88 25.07 4.46 -29.71
N GLN B 89 24.30 5.14 -28.88
CA GLN B 89 24.83 5.82 -27.70
C GLN B 89 23.82 5.65 -26.60
N PRO B 90 24.22 5.87 -25.34
CA PRO B 90 23.26 5.78 -24.23
C PRO B 90 22.08 6.72 -24.46
N LYS B 91 20.89 6.21 -24.19
CA LYS B 91 19.66 6.96 -24.35
C LYS B 91 19.27 7.53 -22.98
N ILE B 92 18.98 8.82 -22.93
CA ILE B 92 18.60 9.49 -21.67
C ILE B 92 17.16 9.96 -21.82
N VAL B 93 16.29 9.51 -20.93
CA VAL B 93 14.89 9.93 -20.91
C VAL B 93 14.66 10.75 -19.66
N LYS B 94 14.20 11.98 -19.83
CA LYS B 94 13.95 12.85 -18.68
C LYS B 94 12.64 12.46 -17.99
N TRP B 95 12.62 12.60 -16.66
CA TRP B 95 11.38 12.43 -15.91
C TRP B 95 10.46 13.62 -16.16
N ASP B 96 9.29 13.34 -16.71
CA ASP B 96 8.21 14.31 -16.86
C ASP B 96 7.27 14.06 -15.69
N ARG B 97 7.16 15.03 -14.79
CA ARG B 97 6.40 14.80 -13.56
CA ARG B 97 6.38 14.87 -13.56
C ARG B 97 4.94 14.47 -13.83
N ASP B 98 4.41 14.80 -15.00
CA ASP B 98 3.01 14.50 -15.31
C ASP B 98 2.78 13.05 -15.73
N MET B 99 3.83 12.31 -16.05
CA MET B 99 3.71 10.98 -16.64
C MET B 99 3.49 9.89 -15.59
N HIS C 4 -23.75 5.02 4.98
CA HIS C 4 -23.47 5.03 6.41
C HIS C 4 -22.09 5.60 6.69
N LEU C 5 -21.59 6.40 5.75
CA LEU C 5 -20.28 7.03 5.89
C LEU C 5 -20.42 8.36 6.61
N SER C 6 -19.58 8.58 7.62
CA SER C 6 -19.61 9.81 8.38
C SER C 6 -18.45 10.71 7.98
N LEU C 7 -18.71 12.01 8.00
CA LEU C 7 -17.67 13.02 7.94
C LEU C 7 -17.65 13.69 9.30
N LEU C 8 -16.54 13.55 10.03
CA LEU C 8 -16.48 14.02 11.42
C LEU C 8 -15.22 14.85 11.63
N TYR C 9 -15.40 16.01 12.27
CA TYR C 9 -14.29 16.84 12.69
C TYR C 9 -14.05 16.63 14.18
N HIS C 10 -12.79 16.43 14.55
CA HIS C 10 -12.36 16.29 15.93
C HIS C 10 -11.63 17.58 16.30
N LEU C 11 -12.28 18.44 17.06
CA LEU C 11 -11.73 19.75 17.40
C LEU C 11 -11.23 19.72 18.84
N THR C 12 -10.02 20.24 19.07
CA THR C 12 -9.49 20.36 20.42
C THR C 12 -8.90 21.75 20.62
N ALA C 13 -9.18 22.37 21.76
CA ALA C 13 -8.45 23.56 22.18
C ALA C 13 -7.95 23.33 23.60
N VAL C 14 -6.78 23.88 23.90
CA VAL C 14 -6.21 23.82 25.24
C VAL C 14 -5.90 25.23 25.71
N SER C 15 -6.14 25.48 27.00
CA SER C 15 -5.92 26.83 27.53
C SER C 15 -4.45 27.18 27.73
N SER C 16 -3.57 26.20 27.91
CA SER C 16 -2.15 26.48 28.11
C SER C 16 -1.31 25.51 27.28
N PRO C 17 -1.26 25.74 25.98
CA PRO C 17 -0.49 24.83 25.12
C PRO C 17 1.00 24.87 25.44
N ALA C 18 1.66 23.73 25.35
CA ALA C 18 3.10 23.73 25.57
C ALA C 18 3.78 24.55 24.47
N PRO C 19 4.92 25.16 24.76
CA PRO C 19 5.56 26.01 23.75
C PRO C 19 5.83 25.26 22.46
N GLY C 20 5.58 25.94 21.34
CA GLY C 20 5.72 25.32 20.04
C GLY C 20 4.57 24.43 19.61
N THR C 21 3.56 24.22 20.46
CA THR C 21 2.39 23.44 20.07
C THR C 21 1.16 24.34 19.95
N PRO C 22 0.16 23.93 19.18
CA PRO C 22 -0.97 24.81 18.90
C PRO C 22 -2.01 24.82 20.02
N ALA C 23 -2.59 26.01 20.25
CA ALA C 23 -3.70 26.12 21.18
C ALA C 23 -4.93 25.39 20.67
N PHE C 24 -5.06 25.24 19.34
CA PHE C 24 -6.25 24.66 18.73
C PHE C 24 -5.83 23.85 17.51
N TRP C 25 -6.39 22.65 17.36
CA TRP C 25 -6.12 21.84 16.18
C TRP C 25 -7.34 20.98 15.86
N VAL C 26 -7.43 20.56 14.61
CA VAL C 26 -8.57 19.82 14.10
C VAL C 26 -8.06 18.69 13.21
N SER C 27 -8.68 17.52 13.32
CA SER C 27 -8.53 16.48 12.30
C SER C 27 -9.92 16.17 11.76
N GLY C 28 -10.00 15.98 10.45
CA GLY C 28 -11.24 15.67 9.77
C GLY C 28 -11.16 14.24 9.24
N TRP C 29 -12.26 13.51 9.37
CA TRP C 29 -12.27 12.08 9.14
C TRP C 29 -13.42 11.72 8.21
N LEU C 30 -13.13 10.90 7.21
CA LEU C 30 -14.16 10.31 6.35
C LEU C 30 -14.16 8.82 6.67
N GLY C 31 -15.20 8.35 7.34
CA GLY C 31 -15.14 7.04 7.91
C GLY C 31 -13.89 6.90 8.79
N PRO C 32 -13.12 5.83 8.58
CA PRO C 32 -11.90 5.64 9.37
C PRO C 32 -10.66 6.34 8.82
N GLN C 33 -10.78 7.17 7.78
CA GLN C 33 -9.63 7.78 7.14
C GLN C 33 -9.51 9.24 7.54
N GLN C 34 -8.32 9.68 7.92
CA GLN C 34 -8.11 11.10 8.14
C GLN C 34 -7.93 11.77 6.78
N TYR C 35 -8.79 12.73 6.46
CA TYR C 35 -8.65 13.46 5.21
C TYR C 35 -8.17 14.89 5.40
N LEU C 36 -8.22 15.43 6.62
CA LEU C 36 -7.98 16.85 6.85
C LEU C 36 -7.18 17.07 8.13
N SER C 37 -6.29 18.06 8.09
CA SER C 37 -5.54 18.50 9.25
C SER C 37 -5.59 20.02 9.30
N TYR C 38 -5.69 20.57 10.51
CA TYR C 38 -5.68 22.02 10.70
C TYR C 38 -5.09 22.29 12.07
N ASN C 39 -4.26 23.32 12.18
CA ASN C 39 -3.89 23.77 13.51
C ASN C 39 -3.74 25.29 13.51
N SER C 40 -3.78 25.86 14.70
CA SER C 40 -3.78 27.31 14.82
C SER C 40 -2.40 27.93 14.60
N LEU C 41 -1.34 27.14 14.53
CA LEU C 41 -0.05 27.73 14.21
C LEU C 41 0.09 27.94 12.70
N ARG C 42 -0.29 26.94 11.91
CA ARG C 42 -0.23 27.11 10.46
C ARG C 42 -1.44 27.88 9.94
N GLY C 43 -2.61 27.71 10.56
CA GLY C 43 -3.77 28.46 10.16
C GLY C 43 -4.39 28.07 8.83
N GLU C 44 -4.03 26.90 8.29
CA GLU C 44 -4.54 26.44 7.00
C GLU C 44 -5.02 25.01 7.11
N ALA C 45 -6.19 24.73 6.55
CA ALA C 45 -6.65 23.36 6.44
C ALA C 45 -5.94 22.69 5.26
N GLU C 46 -5.48 21.46 5.47
CA GLU C 46 -4.79 20.78 4.39
CA GLU C 46 -4.70 20.75 4.46
C GLU C 46 -5.22 19.33 4.32
N PRO C 47 -5.14 18.74 3.12
CA PRO C 47 -5.50 17.33 2.96
C PRO C 47 -4.43 16.41 3.53
N CYS C 48 -4.85 15.19 3.87
CA CYS C 48 -4.00 14.15 4.44
C CYS C 48 -3.96 12.91 3.55
N GLY C 49 -2.77 12.33 3.40
CA GLY C 49 -2.66 11.03 2.73
C GLY C 49 -3.12 11.07 1.29
N ALA C 50 -3.90 10.07 0.91
CA ALA C 50 -4.37 9.97 -0.47
C ALA C 50 -5.31 11.10 -0.85
N TRP C 51 -5.96 11.72 0.14
CA TRP C 51 -6.85 12.85 -0.14
C TRP C 51 -6.11 14.05 -0.69
N VAL C 52 -4.78 14.08 -0.56
CA VAL C 52 -4.00 15.13 -1.23
C VAL C 52 -4.26 15.12 -2.73
N TRP C 53 -4.44 13.94 -3.32
CA TRP C 53 -4.55 13.78 -4.76
C TRP C 53 -6.00 13.72 -5.23
N GLU C 54 -6.95 13.92 -4.32
CA GLU C 54 -8.33 14.15 -4.70
C GLU C 54 -8.37 15.40 -5.57
N ASN C 55 -9.15 15.33 -6.63
CA ASN C 55 -9.16 16.43 -7.58
C ASN C 55 -10.38 17.30 -7.31
N GLN C 56 -10.32 17.96 -6.15
CA GLN C 56 -11.47 18.62 -5.56
C GLN C 56 -11.73 19.96 -6.23
N VAL C 57 -12.93 20.50 -6.01
CA VAL C 57 -13.26 21.79 -6.61
C VAL C 57 -12.29 22.86 -6.12
N SER C 58 -12.24 23.96 -6.87
CA SER C 58 -11.15 24.93 -6.73
C SER C 58 -11.13 25.58 -5.35
N TRP C 59 -12.29 25.91 -4.81
CA TRP C 59 -12.37 26.67 -3.56
C TRP C 59 -12.50 25.77 -2.34
N TYR C 60 -12.35 24.45 -2.51
CA TYR C 60 -12.69 23.51 -1.43
C TYR C 60 -11.86 23.78 -0.17
N TRP C 61 -10.54 23.79 -0.30
CA TRP C 61 -9.70 23.85 0.87
C TRP C 61 -9.67 25.25 1.49
N GLU C 62 -9.96 26.29 0.69
CA GLU C 62 -10.11 27.63 1.23
C GLU C 62 -11.36 27.74 2.10
N LYS C 63 -12.43 27.05 1.73
CA LYS C 63 -13.65 27.07 2.54
C LYS C 63 -13.50 26.26 3.83
N GLU C 64 -12.81 25.12 3.78
CA GLU C 64 -12.49 24.41 5.03
C GLU C 64 -11.67 25.30 5.96
N THR C 65 -10.69 26.01 5.41
CA THR C 65 -9.87 26.90 6.23
C THR C 65 -10.71 28.02 6.83
N THR C 66 -11.57 28.65 6.01
CA THR C 66 -12.45 29.70 6.52
C THR C 66 -13.29 29.21 7.70
N ASP C 67 -13.94 28.06 7.55
CA ASP C 67 -14.83 27.57 8.61
C ASP C 67 -14.06 27.21 9.88
N LEU C 68 -12.87 26.61 9.73
CA LEU C 68 -12.12 26.20 10.90
C LEU C 68 -11.47 27.38 11.62
N ARG C 69 -11.14 28.46 10.90
CA ARG C 69 -10.66 29.66 11.59
C ARG C 69 -11.75 30.27 12.46
N ILE C 70 -13.01 30.18 12.01
CA ILE C 70 -14.13 30.68 12.80
C ILE C 70 -14.30 29.83 14.07
N LYS C 71 -14.17 28.51 13.94
CA LYS C 71 -14.30 27.64 15.09
C LYS C 71 -13.11 27.79 16.03
N GLU C 72 -11.93 28.07 15.49
CA GLU C 72 -10.79 28.35 16.35
C GLU C 72 -11.07 29.53 17.27
N LYS C 73 -11.64 30.60 16.72
CA LYS C 73 -11.95 31.76 17.55
C LYS C 73 -13.00 31.44 18.60
N LEU C 74 -14.02 30.66 18.22
CA LEU C 74 -15.08 30.28 19.16
C LEU C 74 -14.52 29.46 20.30
N PHE C 75 -13.69 28.46 19.98
CA PHE C 75 -13.12 27.61 21.03
C PHE C 75 -12.27 28.41 21.98
N LEU C 76 -11.38 29.26 21.44
CA LEU C 76 -10.53 30.04 22.32
C LEU C 76 -11.34 31.02 23.16
N GLU C 77 -12.46 31.54 22.63
CA GLU C 77 -13.32 32.43 23.41
C GLU C 77 -13.96 31.71 24.60
N ALA C 78 -14.17 30.39 24.49
CA ALA C 78 -14.84 29.65 25.56
C ALA C 78 -14.05 29.71 26.87
N PHE C 79 -12.71 29.69 26.79
CA PHE C 79 -11.90 29.70 28.00
C PHE C 79 -12.10 30.99 28.79
N LYS C 80 -12.29 32.12 28.08
CA LYS C 80 -12.55 33.38 28.77
C LYS C 80 -13.87 33.35 29.52
N ALA C 81 -14.81 32.52 29.09
CA ALA C 81 -16.10 32.43 29.77
C ALA C 81 -16.04 31.64 31.07
N LEU C 82 -15.01 30.82 31.26
CA LEU C 82 -14.93 29.91 32.39
C LEU C 82 -14.26 30.56 33.60
N GLY C 83 -14.67 30.12 34.78
CA GLY C 83 -14.23 30.72 36.04
C GLY C 83 -12.90 30.21 36.57
N GLY C 86 -7.39 27.47 35.07
CA GLY C 86 -7.48 26.15 34.47
C GLY C 86 -6.52 25.13 35.07
N PRO C 87 -5.83 24.37 34.20
CA PRO C 87 -5.92 24.44 32.74
C PRO C 87 -7.19 23.76 32.21
N TYR C 88 -7.62 24.11 31.00
CA TYR C 88 -8.80 23.48 30.41
C TYR C 88 -8.46 22.85 29.07
N THR C 89 -9.18 21.78 28.76
CA THR C 89 -9.25 21.21 27.41
C THR C 89 -10.70 21.27 26.98
N LEU C 90 -10.96 21.77 25.78
CA LEU C 90 -12.30 21.76 25.21
C LEU C 90 -12.23 20.98 23.90
N GLN C 91 -13.12 19.99 23.76
CA GLN C 91 -13.15 19.19 22.55
C GLN C 91 -14.53 19.26 21.93
N GLY C 92 -14.59 19.13 20.62
CA GLY C 92 -15.85 19.06 19.91
C GLY C 92 -15.81 17.96 18.87
N LEU C 93 -16.94 17.30 18.70
CA LEU C 93 -17.14 16.32 17.64
C LEU C 93 -18.28 16.85 16.80
N LEU C 94 -17.98 17.30 15.58
CA LEU C 94 -18.95 17.95 14.72
C LEU C 94 -18.94 17.27 13.37
N GLY C 95 -20.12 16.99 12.83
CA GLY C 95 -20.16 16.44 11.49
C GLY C 95 -21.52 15.84 11.19
N CYS C 96 -21.52 14.91 10.24
CA CYS C 96 -22.77 14.43 9.69
C CYS C 96 -22.56 13.06 9.09
N GLU C 97 -23.67 12.38 8.86
CA GLU C 97 -23.68 11.06 8.26
C GLU C 97 -24.90 10.97 7.37
N LEU C 98 -24.71 10.47 6.16
CA LEU C 98 -25.86 10.15 5.32
C LEU C 98 -26.55 8.91 5.88
N GLY C 99 -27.80 9.09 6.33
CA GLY C 99 -28.56 8.00 6.90
C GLY C 99 -29.48 7.37 5.88
N PRO C 100 -30.37 6.48 6.33
CA PRO C 100 -31.36 5.93 5.41
C PRO C 100 -32.24 7.05 4.87
N ASP C 101 -32.75 6.84 3.65
CA ASP C 101 -33.56 7.81 2.93
C ASP C 101 -32.75 9.03 2.49
N ASN C 102 -31.42 8.90 2.43
CA ASN C 102 -30.55 9.87 1.75
C ASN C 102 -30.66 11.27 2.37
N THR C 103 -30.82 11.35 3.68
CA THR C 103 -30.80 12.62 4.37
C THR C 103 -29.61 12.64 5.32
N SER C 104 -29.24 13.84 5.74
CA SER C 104 -28.08 14.01 6.59
C SER C 104 -28.50 14.01 8.06
N VAL C 105 -27.67 13.36 8.88
CA VAL C 105 -27.89 13.25 10.32
C VAL C 105 -26.71 13.92 10.99
N PRO C 106 -26.92 14.99 11.76
CA PRO C 106 -25.80 15.74 12.31
C PRO C 106 -25.38 15.24 13.70
N THR C 107 -24.11 15.51 14.00
CA THR C 107 -23.52 15.26 15.31
C THR C 107 -22.91 16.56 15.80
N ALA C 108 -23.18 16.93 17.06
CA ALA C 108 -22.58 18.16 17.57
C ALA C 108 -22.47 18.04 19.10
N LYS C 109 -21.35 17.48 19.57
CA LYS C 109 -21.12 17.25 20.99
CA LYS C 109 -21.13 17.25 20.99
C LYS C 109 -19.80 17.88 21.41
N PHE C 110 -19.71 18.21 22.69
CA PHE C 110 -18.52 18.86 23.22
C PHE C 110 -18.18 18.28 24.59
N ALA C 111 -16.90 18.28 24.90
CA ALA C 111 -16.41 17.77 26.17
C ALA C 111 -15.50 18.81 26.81
N LEU C 112 -15.56 18.91 28.15
CA LEU C 112 -14.69 19.78 28.92
C LEU C 112 -13.83 18.91 29.82
N ASN C 113 -12.51 19.07 29.72
CA ASN C 113 -11.55 18.24 30.47
C ASN C 113 -11.90 16.76 30.34
N GLY C 114 -12.33 16.36 29.16
CA GLY C 114 -12.58 14.95 28.87
C GLY C 114 -13.94 14.44 29.24
N GLU C 115 -14.86 15.29 29.68
CA GLU C 115 -16.21 14.89 30.05
C GLU C 115 -17.22 15.55 29.12
N GLU C 116 -18.11 14.74 28.53
CA GLU C 116 -19.17 15.31 27.71
C GLU C 116 -20.02 16.26 28.55
N PHE C 117 -20.30 17.45 28.01
CA PHE C 117 -20.97 18.45 28.84
C PHE C 117 -21.87 19.40 28.05
N MET C 118 -21.83 19.35 26.71
CA MET C 118 -22.56 20.34 25.93
C MET C 118 -22.90 19.76 24.55
N ASN C 119 -24.00 20.22 23.97
CA ASN C 119 -24.32 19.88 22.59
C ASN C 119 -24.93 21.08 21.89
N PHE C 120 -25.09 20.96 20.57
CA PHE C 120 -25.84 21.95 19.80
C PHE C 120 -27.19 21.35 19.45
N ASP C 121 -28.26 22.02 19.87
CA ASP C 121 -29.63 21.61 19.55
C ASP C 121 -30.00 22.26 18.22
N LEU C 122 -30.12 21.45 17.16
CA LEU C 122 -30.34 22.03 15.86
C LEU C 122 -31.75 22.59 15.71
N LYS C 123 -32.71 22.07 16.47
CA LYS C 123 -34.09 22.55 16.38
C LYS C 123 -34.23 23.95 16.94
N GLN C 124 -33.57 24.24 18.06
CA GLN C 124 -33.59 25.57 18.65
C GLN C 124 -32.42 26.45 18.19
N GLY C 125 -31.41 25.89 17.55
CA GLY C 125 -30.24 26.67 17.18
C GLY C 125 -29.47 27.16 18.39
N THR C 126 -29.33 26.32 19.42
CA THR C 126 -28.72 26.73 20.67
C THR C 126 -27.78 25.64 21.16
N TRP C 127 -26.72 26.06 21.84
CA TRP C 127 -25.87 25.15 22.59
C TRP C 127 -26.45 24.97 23.98
N GLY C 128 -26.38 23.74 24.50
CA GLY C 128 -26.98 23.46 25.79
C GLY C 128 -26.26 22.39 26.56
N GLY C 129 -26.57 22.32 27.86
CA GLY C 129 -26.01 21.33 28.75
C GLY C 129 -26.41 21.66 30.16
N ASP C 130 -26.16 20.71 31.07
CA ASP C 130 -26.57 20.89 32.46
C ASP C 130 -25.56 21.71 33.27
N TRP C 131 -24.27 21.53 33.01
CA TRP C 131 -23.26 22.14 33.86
C TRP C 131 -23.28 23.66 33.75
N PRO C 132 -22.91 24.36 34.82
CA PRO C 132 -22.75 25.82 34.70
C PRO C 132 -21.72 26.22 33.66
N GLU C 133 -20.69 25.40 33.45
CA GLU C 133 -19.70 25.68 32.41
C GLU C 133 -20.32 25.61 31.03
N ALA C 134 -21.26 24.68 30.83
CA ALA C 134 -21.99 24.62 29.55
C ALA C 134 -22.87 25.85 29.38
N LEU C 135 -23.60 26.24 30.43
CA LEU C 135 -24.42 27.45 30.32
C LEU C 135 -23.55 28.66 29.98
N ALA C 136 -22.38 28.76 30.62
CA ALA C 136 -21.52 29.93 30.40
C ALA C 136 -20.98 29.98 28.98
N ILE C 137 -20.43 28.85 28.50
CA ILE C 137 -19.89 28.83 27.14
C ILE C 137 -21.02 29.00 26.14
N SER C 138 -22.14 28.31 26.36
CA SER C 138 -23.30 28.48 25.47
C SER C 138 -23.69 29.94 25.35
N GLN C 139 -23.79 30.66 26.48
CA GLN C 139 -24.21 32.05 26.43
C GLN C 139 -23.19 32.92 25.71
N ARG C 140 -21.89 32.68 25.95
CA ARG C 140 -20.88 33.45 25.25
CA ARG C 140 -20.88 33.45 25.25
C ARG C 140 -20.96 33.23 23.74
N TRP C 141 -21.13 31.98 23.31
CA TRP C 141 -21.27 31.68 21.89
C TRP C 141 -22.60 32.20 21.35
N GLN C 142 -23.70 31.94 22.08
CA GLN C 142 -25.01 32.41 21.64
C GLN C 142 -25.05 33.92 21.52
N GLN C 143 -24.26 34.63 22.33
CA GLN C 143 -24.24 36.09 22.25
C GLN C 143 -23.45 36.60 21.04
N GLN C 144 -22.52 35.83 20.51
CA GLN C 144 -21.74 36.31 19.38
C GLN C 144 -22.57 36.27 18.11
N ASP C 145 -22.56 37.39 17.38
CA ASP C 145 -23.41 37.56 16.21
C ASP C 145 -23.10 36.51 15.14
N LYS C 146 -24.14 35.79 14.70
CA LYS C 146 -24.14 34.81 13.63
C LYS C 146 -23.45 33.50 13.98
N ALA C 147 -23.01 33.31 15.23
CA ALA C 147 -22.31 32.08 15.56
C ALA C 147 -23.25 30.88 15.49
N ALA C 148 -24.48 31.02 15.99
CA ALA C 148 -25.44 29.92 15.91
C ALA C 148 -25.83 29.66 14.46
N ASN C 149 -26.06 30.73 13.68
CA ASN C 149 -26.37 30.57 12.27
C ASN C 149 -25.27 29.82 11.53
N LYS C 150 -24.01 30.18 11.79
CA LYS C 150 -22.90 29.53 11.12
C LYS C 150 -22.78 28.07 11.55
N GLU C 151 -23.06 27.80 12.82
CA GLU C 151 -23.06 26.41 13.31
C GLU C 151 -24.16 25.60 12.61
N LEU C 152 -25.35 26.18 12.45
CA LEU C 152 -26.43 25.52 11.74
C LEU C 152 -26.04 25.21 10.30
N THR C 153 -25.50 26.21 9.59
CA THR C 153 -25.11 26.00 8.20
C THR C 153 -24.04 24.95 8.08
N PHE C 154 -23.07 24.96 9.00
CA PHE C 154 -21.99 23.99 8.97
C PHE C 154 -22.52 22.57 9.08
N LEU C 155 -23.50 22.34 9.97
CA LEU C 155 -24.01 20.99 10.21
C LEU C 155 -25.04 20.57 9.17
N LEU C 156 -25.95 21.47 8.80
CA LEU C 156 -27.07 21.08 7.96
C LEU C 156 -26.77 21.16 6.47
N PHE C 157 -25.76 21.95 6.07
CA PHE C 157 -25.55 22.22 4.66
C PHE C 157 -24.11 21.95 4.25
N SER C 158 -23.14 22.57 4.94
CA SER C 158 -21.75 22.45 4.52
C SER C 158 -21.23 21.02 4.68
N CYS C 159 -21.48 20.40 5.84
CA CYS C 159 -21.00 19.04 6.06
CA CYS C 159 -21.00 19.04 6.06
CA CYS C 159 -21.00 19.04 6.06
C CYS C 159 -21.57 18.05 5.05
N PRO C 160 -22.89 17.94 4.86
CA PRO C 160 -23.36 16.95 3.86
C PRO C 160 -22.92 17.27 2.44
N HIS C 161 -22.80 18.56 2.11
CA HIS C 161 -22.26 18.95 0.80
C HIS C 161 -20.84 18.43 0.62
N ARG C 162 -19.98 18.65 1.62
CA ARG C 162 -18.61 18.13 1.56
C ARG C 162 -18.59 16.62 1.49
N LEU C 163 -19.42 15.95 2.31
CA LEU C 163 -19.47 14.49 2.31
C LEU C 163 -19.87 13.96 0.93
N ARG C 164 -20.80 14.66 0.27
CA ARG C 164 -21.20 14.24 -1.07
C ARG C 164 -20.11 14.54 -2.10
N GLU C 165 -19.40 15.67 -1.92
CA GLU C 165 -18.28 15.96 -2.81
C GLU C 165 -17.20 14.89 -2.70
N HIS C 166 -16.98 14.37 -1.49
CA HIS C 166 -15.96 13.35 -1.32
C HIS C 166 -16.41 12.00 -1.87
N LEU C 167 -17.69 11.67 -1.73
CA LEU C 167 -18.19 10.44 -2.34
C LEU C 167 -18.16 10.50 -3.85
N GLU C 168 -18.16 11.70 -4.44
CA GLU C 168 -18.15 11.84 -5.89
C GLU C 168 -16.74 11.87 -6.48
N ARG C 169 -15.74 12.34 -5.74
CA ARG C 169 -14.39 12.47 -6.28
C ARG C 169 -13.36 11.59 -5.58
N GLY C 170 -13.68 11.04 -4.42
CA GLY C 170 -12.69 10.29 -3.67
C GLY C 170 -13.19 8.94 -3.20
N ARG C 171 -14.27 8.46 -3.81
CA ARG C 171 -14.85 7.18 -3.42
C ARG C 171 -13.86 6.03 -3.60
N GLY C 172 -12.92 6.17 -4.54
CA GLY C 172 -11.88 5.17 -4.69
C GLY C 172 -11.11 4.92 -3.42
N ASN C 173 -10.75 6.00 -2.70
CA ASN C 173 -10.07 5.85 -1.42
C ASN C 173 -10.83 4.95 -0.46
N LEU C 174 -12.16 5.04 -0.48
CA LEU C 174 -12.98 4.31 0.47
C LEU C 174 -13.22 2.87 0.03
N GLU C 175 -12.99 2.55 -1.25
CA GLU C 175 -13.17 1.20 -1.76
C GLU C 175 -11.88 0.40 -1.73
N TRP C 176 -10.79 0.98 -1.22
CA TRP C 176 -9.55 0.27 -0.92
C TRP C 176 -9.84 -1.05 -0.20
N LYS C 177 -9.24 -2.14 -0.68
CA LYS C 177 -9.33 -3.43 0.00
C LYS C 177 -7.93 -4.01 0.09
N GLU C 178 -7.39 -4.07 1.30
CA GLU C 178 -6.05 -4.59 1.50
C GLU C 178 -6.15 -5.73 2.50
N PRO C 179 -6.05 -6.97 2.08
CA PRO C 179 -6.18 -8.09 3.03
C PRO C 179 -5.00 -8.16 3.98
N PRO C 180 -5.18 -8.72 5.16
CA PRO C 180 -4.09 -8.75 6.14
C PRO C 180 -3.04 -9.79 5.82
N SER C 181 -1.79 -9.48 6.17
CA SER C 181 -0.74 -10.48 6.23
C SER C 181 -0.72 -11.05 7.64
N MET C 182 -0.74 -12.38 7.75
CA MET C 182 -1.04 -13.06 9.01
C MET C 182 0.18 -13.77 9.57
N ARG C 183 0.32 -13.75 10.89
CA ARG C 183 1.35 -14.53 11.56
C ARG C 183 0.73 -15.17 12.80
N LEU C 184 1.05 -16.43 13.05
CA LEU C 184 0.67 -17.07 14.30
C LEU C 184 1.93 -17.64 14.94
N LYS C 185 2.25 -17.19 16.15
CA LYS C 185 3.47 -17.58 16.84
C LYS C 185 3.22 -17.79 18.32
N ALA C 186 4.00 -18.71 18.90
CA ALA C 186 3.97 -19.00 20.33
C ALA C 186 5.28 -18.54 20.98
N ARG C 187 5.18 -18.05 22.22
CA ARG C 187 6.35 -17.75 23.03
C ARG C 187 6.17 -18.32 24.43
N PRO C 188 7.27 -18.74 25.06
CA PRO C 188 7.17 -19.24 26.44
C PRO C 188 6.69 -18.13 27.38
N SER C 189 5.98 -18.56 28.41
CA SER C 189 5.44 -17.64 29.40
C SER C 189 5.86 -18.15 30.77
N SER C 190 5.01 -17.97 31.79
CA SER C 190 5.32 -18.55 33.09
C SER C 190 5.42 -20.07 32.96
N PRO C 191 6.08 -20.74 33.90
CA PRO C 191 6.31 -22.19 33.75
C PRO C 191 5.04 -22.99 33.52
N GLY C 192 5.09 -23.89 32.53
CA GLY C 192 3.94 -24.67 32.12
C GLY C 192 3.04 -24.02 31.10
N PHE C 193 3.33 -22.79 30.68
CA PHE C 193 2.43 -22.07 29.80
C PHE C 193 3.18 -21.37 28.68
N SER C 194 2.48 -21.19 27.56
CA SER C 194 2.97 -20.36 26.47
C SER C 194 1.89 -19.35 26.11
N VAL C 195 2.29 -18.30 25.42
CA VAL C 195 1.35 -17.33 24.89
C VAL C 195 1.33 -17.46 23.38
N LEU C 196 0.14 -17.70 22.83
CA LEU C 196 -0.08 -17.80 21.40
CA LEU C 196 -0.08 -17.79 21.39
C LEU C 196 -0.56 -16.45 20.89
N THR C 197 0.06 -15.93 19.82
CA THR C 197 -0.35 -14.65 19.31
C THR C 197 -0.61 -14.74 17.81
N CYS C 198 -1.82 -14.34 17.41
CA CYS C 198 -2.23 -14.24 16.01
C CYS C 198 -2.22 -12.77 15.64
N SER C 199 -1.41 -12.38 14.66
CA SER C 199 -1.28 -10.96 14.32
C SER C 199 -1.62 -10.73 12.85
N ALA C 200 -2.33 -9.63 12.59
CA ALA C 200 -2.81 -9.24 11.26
C ALA C 200 -2.18 -7.91 10.91
N PHE C 201 -1.42 -7.87 9.82
CA PHE C 201 -0.63 -6.71 9.46
C PHE C 201 -1.20 -6.01 8.23
N SER C 202 -1.22 -4.67 8.28
CA SER C 202 -1.42 -3.81 7.12
CA SER C 202 -1.41 -3.82 7.11
C SER C 202 -2.68 -4.19 6.32
N PHE C 203 -3.84 -3.97 6.95
CA PHE C 203 -5.10 -4.29 6.29
C PHE C 203 -6.04 -3.08 6.27
N TYR C 204 -7.00 -3.13 5.34
CA TYR C 204 -8.00 -2.10 5.20
C TYR C 204 -9.17 -2.75 4.49
N PRO C 205 -10.42 -2.51 4.91
CA PRO C 205 -10.92 -1.65 6.00
C PRO C 205 -10.61 -2.20 7.40
N PRO C 206 -10.86 -1.40 8.44
CA PRO C 206 -10.43 -1.80 9.78
C PRO C 206 -11.22 -2.97 10.38
N GLU C 207 -12.41 -3.27 9.91
CA GLU C 207 -13.20 -4.33 10.52
C GLU C 207 -12.54 -5.69 10.28
N LEU C 208 -12.30 -6.44 11.35
CA LEU C 208 -11.58 -7.69 11.24
C LEU C 208 -11.88 -8.52 12.48
N GLN C 209 -11.98 -9.82 12.31
CA GLN C 209 -12.23 -10.72 13.44
C GLN C 209 -11.11 -11.74 13.51
N LEU C 210 -10.58 -11.93 14.72
CA LEU C 210 -9.62 -12.99 15.00
C LEU C 210 -10.24 -13.92 16.03
N ARG C 211 -10.06 -15.23 15.81
CA ARG C 211 -10.62 -16.26 16.66
C ARG C 211 -9.62 -17.40 16.75
N PHE C 212 -9.63 -18.09 17.88
CA PHE C 212 -8.80 -19.27 18.07
C PHE C 212 -9.65 -20.54 18.05
N LEU C 213 -9.10 -21.58 17.46
CA LEU C 213 -9.65 -22.93 17.54
C LEU C 213 -8.62 -23.82 18.20
N ARG C 214 -9.11 -24.81 18.96
CA ARG C 214 -8.27 -25.89 19.47
C ARG C 214 -8.84 -27.20 18.96
N ASN C 215 -8.03 -27.94 18.20
CA ASN C 215 -8.50 -29.14 17.50
C ASN C 215 -9.82 -28.90 16.79
N GLY C 216 -9.90 -27.75 16.10
CA GLY C 216 -11.09 -27.40 15.35
C GLY C 216 -12.26 -26.89 16.16
N LEU C 217 -12.20 -26.96 17.48
CA LEU C 217 -13.28 -26.48 18.33
C LEU C 217 -12.97 -25.05 18.79
N ALA C 218 -14.04 -24.27 18.99
CA ALA C 218 -13.89 -22.90 19.43
C ALA C 218 -13.07 -22.82 20.72
N ALA C 219 -12.11 -21.91 20.74
CA ALA C 219 -11.22 -21.74 21.88
C ALA C 219 -11.21 -20.30 22.38
N GLY C 220 -12.08 -19.46 21.86
CA GLY C 220 -12.23 -18.10 22.32
C GLY C 220 -11.64 -17.11 21.34
N THR C 221 -11.93 -15.85 21.61
CA THR C 221 -11.39 -14.77 20.80
C THR C 221 -9.96 -14.42 21.17
N GLY C 222 -9.50 -14.83 22.35
CA GLY C 222 -8.23 -14.31 22.86
C GLY C 222 -8.37 -12.85 23.28
N GLN C 223 -7.26 -12.28 23.73
CA GLN C 223 -7.22 -10.88 24.18
C GLN C 223 -6.67 -10.02 23.06
N GLY C 224 -7.50 -9.13 22.54
CA GLY C 224 -7.23 -8.44 21.30
C GLY C 224 -6.76 -7.01 21.48
N ASP C 225 -5.97 -6.55 20.52
CA ASP C 225 -5.54 -5.17 20.43
C ASP C 225 -5.62 -4.76 18.97
N PHE C 226 -5.69 -3.47 18.74
CA PHE C 226 -5.96 -2.94 17.42
C PHE C 226 -5.31 -1.56 17.33
N GLY C 227 -4.75 -1.22 16.17
CA GLY C 227 -4.16 0.10 15.99
C GLY C 227 -3.88 0.42 14.55
N PRO C 228 -3.62 1.70 14.25
CA PRO C 228 -3.32 2.11 12.87
C PRO C 228 -1.86 1.95 12.50
N ASN C 229 -1.61 1.93 11.19
CA ASN C 229 -0.30 2.20 10.63
C ASN C 229 -0.28 3.62 10.05
N SER C 230 0.91 4.10 9.70
CA SER C 230 1.00 5.51 9.31
C SER C 230 0.37 5.81 7.96
N ASP C 231 0.03 4.80 7.16
CA ASP C 231 -0.69 5.08 5.92
C ASP C 231 -2.19 4.99 6.09
N GLY C 232 -2.67 4.79 7.31
CA GLY C 232 -4.08 4.63 7.50
C GLY C 232 -4.59 3.22 7.26
N SER C 233 -3.71 2.28 6.92
CA SER C 233 -4.08 0.88 7.10
C SER C 233 -4.02 0.53 8.58
N PHE C 234 -4.33 -0.72 8.91
CA PHE C 234 -4.50 -1.11 10.30
C PHE C 234 -3.73 -2.38 10.65
N HIS C 235 -3.66 -2.61 11.95
CA HIS C 235 -2.92 -3.69 12.57
C HIS C 235 -3.80 -4.27 13.69
N ALA C 236 -3.73 -5.59 13.88
CA ALA C 236 -4.44 -6.20 15.00
C ALA C 236 -3.72 -7.44 15.48
N SER C 237 -3.99 -7.79 16.74
CA SER C 237 -3.39 -8.95 17.36
CA SER C 237 -3.44 -9.00 17.31
C SER C 237 -4.38 -9.52 18.38
N SER C 238 -4.38 -10.84 18.52
CA SER C 238 -5.07 -11.47 19.64
C SER C 238 -4.16 -12.53 20.24
N SER C 239 -4.18 -12.63 21.57
CA SER C 239 -3.24 -13.51 22.25
C SER C 239 -3.99 -14.40 23.23
N LEU C 240 -3.53 -15.63 23.37
CA LEU C 240 -4.18 -16.63 24.20
C LEU C 240 -3.14 -17.34 25.03
N THR C 241 -3.40 -17.53 26.32
CA THR C 241 -2.52 -18.37 27.12
C THR C 241 -2.90 -19.83 26.93
N VAL C 242 -1.91 -20.67 26.63
CA VAL C 242 -2.13 -22.10 26.41
C VAL C 242 -1.08 -22.85 27.21
N LYS C 243 -1.36 -24.11 27.49
CA LYS C 243 -0.39 -24.96 28.18
C LYS C 243 0.77 -25.29 27.25
N SER C 244 1.99 -25.32 27.79
CA SER C 244 3.14 -25.48 26.92
C SER C 244 3.22 -26.91 26.40
N GLY C 245 3.69 -27.04 25.17
CA GLY C 245 3.60 -28.30 24.46
C GLY C 245 2.27 -28.58 23.79
N ASP C 246 1.24 -27.79 24.09
CA ASP C 246 -0.08 -27.92 23.49
C ASP C 246 -0.28 -26.93 22.36
N GLU C 247 0.74 -26.14 22.02
CA GLU C 247 0.57 -25.04 21.07
C GLU C 247 0.11 -25.53 19.71
N HIS C 248 0.52 -26.72 19.29
CA HIS C 248 0.26 -27.12 17.92
C HIS C 248 -1.16 -27.64 17.71
N HIS C 249 -1.97 -27.74 18.75
CA HIS C 249 -3.37 -28.08 18.59
C HIS C 249 -4.23 -26.85 18.27
N TYR C 250 -3.63 -25.68 18.23
CA TYR C 250 -4.35 -24.43 18.01
C TYR C 250 -4.10 -23.89 16.61
N CYS C 251 -5.11 -23.21 16.08
CA CYS C 251 -4.96 -22.35 14.92
C CYS C 251 -5.77 -21.08 15.17
N CYS C 252 -5.61 -20.11 14.29
CA CYS C 252 -6.31 -18.83 14.33
CA CYS C 252 -6.41 -18.91 14.37
C CYS C 252 -7.07 -18.66 13.03
N ILE C 253 -8.29 -18.12 13.11
CA ILE C 253 -9.12 -17.86 11.94
C ILE C 253 -9.28 -16.34 11.82
N VAL C 254 -9.09 -15.81 10.62
CA VAL C 254 -9.29 -14.38 10.40
C VAL C 254 -10.40 -14.18 9.38
N GLN C 255 -11.31 -13.25 9.66
CA GLN C 255 -12.32 -12.78 8.72
C GLN C 255 -12.10 -11.31 8.45
N HIS C 256 -12.14 -10.94 7.16
CA HIS C 256 -11.87 -9.56 6.76
C HIS C 256 -12.52 -9.34 5.41
N ALA C 257 -13.01 -8.11 5.18
CA ALA C 257 -13.75 -7.81 3.95
C ALA C 257 -12.94 -8.10 2.70
N GLY C 258 -11.61 -8.06 2.79
CA GLY C 258 -10.79 -8.40 1.65
C GLY C 258 -10.69 -9.88 1.34
N LEU C 259 -11.21 -10.75 2.22
CA LEU C 259 -11.17 -12.19 2.06
C LEU C 259 -12.59 -12.72 1.91
N ALA C 260 -12.88 -13.35 0.76
CA ALA C 260 -14.22 -13.90 0.53
C ALA C 260 -14.60 -14.94 1.57
N GLN C 261 -13.63 -15.68 2.11
CA GLN C 261 -13.85 -16.72 3.09
C GLN C 261 -12.93 -16.51 4.29
N PRO C 262 -13.30 -16.99 5.47
CA PRO C 262 -12.37 -16.96 6.61
C PRO C 262 -11.08 -17.71 6.25
N LEU C 263 -9.96 -17.23 6.79
CA LEU C 263 -8.66 -17.81 6.51
C LEU C 263 -8.10 -18.47 7.77
N ARG C 264 -7.76 -19.76 7.67
CA ARG C 264 -7.17 -20.47 8.80
C ARG C 264 -5.65 -20.28 8.79
N VAL C 265 -5.10 -19.93 9.94
CA VAL C 265 -3.67 -19.64 10.07
C VAL C 265 -3.10 -20.66 11.04
N GLU C 266 -2.08 -21.39 10.60
CA GLU C 266 -1.39 -22.37 11.45
C GLU C 266 -0.07 -21.78 11.96
N LEU C 267 0.47 -22.41 13.00
CA LEU C 267 1.79 -22.07 13.51
C LEU C 267 2.86 -22.21 12.43
N ILE D 1 -11.11 15.01 33.87
CA ILE D 1 -10.62 13.73 34.36
C ILE D 1 -9.30 13.36 33.69
N GLN D 2 -8.59 12.43 34.28
CA GLN D 2 -7.33 11.93 33.75
C GLN D 2 -7.50 10.47 33.38
N ARG D 3 -6.87 10.07 32.27
CA ARG D 3 -6.89 8.69 31.80
C ARG D 3 -5.48 8.30 31.41
N THR D 4 -5.08 7.14 31.85
CA THR D 4 -3.70 6.76 31.57
C THR D 4 -3.59 6.11 30.19
N PRO D 5 -2.46 6.28 29.51
CA PRO D 5 -2.37 5.78 28.13
C PRO D 5 -2.23 4.26 28.09
N LYS D 6 -2.83 3.67 27.06
CA LYS D 6 -2.51 2.32 26.60
C LYS D 6 -1.43 2.40 25.53
N ILE D 7 -0.46 1.50 25.58
CA ILE D 7 0.71 1.55 24.69
C ILE D 7 0.82 0.24 23.95
N GLN D 8 0.88 0.32 22.62
CA GLN D 8 1.07 -0.83 21.75
C GLN D 8 2.28 -0.58 20.87
N VAL D 9 3.13 -1.61 20.71
CA VAL D 9 4.31 -1.54 19.86
C VAL D 9 4.23 -2.67 18.85
N TYR D 10 4.27 -2.34 17.55
CA TYR D 10 4.21 -3.38 16.53
C TYR D 10 4.86 -2.86 15.27
N SER D 11 5.24 -3.79 14.40
CA SER D 11 5.77 -3.35 13.11
C SER D 11 4.64 -3.27 12.07
N ARG D 12 4.90 -2.48 11.02
CA ARG D 12 3.89 -2.27 9.99
C ARG D 12 3.66 -3.53 9.16
N HIS D 13 4.72 -4.23 8.81
CA HIS D 13 4.72 -5.51 8.13
C HIS D 13 5.33 -6.57 9.04
N PRO D 14 5.06 -7.85 8.78
CA PRO D 14 5.72 -8.89 9.57
C PRO D 14 7.22 -8.73 9.50
N ALA D 15 7.87 -8.90 10.65
CA ALA D 15 9.28 -8.60 10.76
C ALA D 15 10.09 -9.69 10.08
N GLU D 16 11.04 -9.28 9.24
CA GLU D 16 12.02 -10.18 8.65
C GLU D 16 13.38 -9.55 8.81
N ASN D 17 14.31 -10.28 9.44
CA ASN D 17 15.63 -9.71 9.69
C ASN D 17 16.29 -9.28 8.38
N GLY D 18 16.82 -8.07 8.36
CA GLY D 18 17.49 -7.57 7.17
C GLY D 18 16.57 -6.90 6.17
N LYS D 19 15.27 -6.86 6.42
CA LYS D 19 14.31 -6.25 5.51
C LYS D 19 13.79 -4.96 6.14
N SER D 20 13.82 -3.87 5.38
CA SER D 20 13.35 -2.58 5.90
CA SER D 20 13.35 -2.60 5.92
C SER D 20 11.87 -2.66 6.23
N ASN D 21 11.47 -1.93 7.27
CA ASN D 21 10.13 -2.02 7.85
C ASN D 21 9.86 -0.70 8.57
N PHE D 22 8.70 -0.59 9.20
CA PHE D 22 8.39 0.53 10.10
C PHE D 22 8.04 -0.01 11.48
N LEU D 23 8.58 0.63 12.51
CA LEU D 23 8.18 0.33 13.90
C LEU D 23 7.17 1.36 14.38
N ASN D 24 6.05 0.90 14.93
CA ASN D 24 4.99 1.76 15.43
C ASN D 24 4.90 1.71 16.95
N CYS D 25 4.65 2.86 17.57
CA CYS D 25 4.22 2.91 18.96
C CYS D 25 2.91 3.68 18.94
N TYR D 26 1.82 2.98 19.23
CA TYR D 26 0.49 3.55 19.21
C TYR D 26 0.05 3.76 20.64
N VAL D 27 -0.20 5.01 20.99
CA VAL D 27 -0.59 5.39 22.34
CA VAL D 27 -0.59 5.39 22.34
C VAL D 27 -2.01 5.93 22.29
N SER D 28 -2.88 5.40 23.17
CA SER D 28 -4.30 5.70 23.06
C SER D 28 -4.94 5.75 24.44
N GLY D 29 -6.18 6.24 24.47
CA GLY D 29 -6.97 6.25 25.70
C GLY D 29 -6.51 7.19 26.79
N PHE D 30 -5.74 8.24 26.46
CA PHE D 30 -5.19 9.09 27.51
C PHE D 30 -5.85 10.47 27.53
N HIS D 31 -5.73 11.13 28.67
CA HIS D 31 -6.24 12.47 28.92
C HIS D 31 -5.54 13.02 30.16
N PRO D 32 -5.02 14.27 30.13
CA PRO D 32 -5.05 15.26 29.05
C PRO D 32 -4.13 14.93 27.87
N SER D 33 -4.06 15.84 26.91
CA SER D 33 -3.42 15.52 25.63
C SER D 33 -1.89 15.59 25.65
N ASP D 34 -1.29 16.26 26.64
CA ASP D 34 0.15 16.40 26.68
C ASP D 34 0.80 15.05 26.98
N ILE D 35 1.69 14.62 26.09
CA ILE D 35 2.31 13.31 26.25
C ILE D 35 3.67 13.34 25.57
N GLU D 36 4.60 12.55 26.09
CA GLU D 36 5.96 12.42 25.54
C GLU D 36 6.20 10.96 25.17
N VAL D 37 6.71 10.73 23.97
CA VAL D 37 6.88 9.38 23.44
C VAL D 37 8.23 9.29 22.77
N ASP D 38 9.05 8.33 23.20
CA ASP D 38 10.32 8.03 22.55
C ASP D 38 10.33 6.58 22.08
N LEU D 39 10.90 6.35 20.92
CA LEU D 39 11.26 5.00 20.49
C LEU D 39 12.73 4.75 20.84
N LEU D 40 13.02 3.54 21.29
CA LEU D 40 14.35 3.20 21.79
C LEU D 40 14.89 2.02 21.02
N LYS D 41 16.19 2.06 20.74
CA LYS D 41 16.91 0.96 20.10
C LYS D 41 18.00 0.49 21.07
N ASN D 42 17.81 -0.70 21.62
CA ASN D 42 18.67 -1.23 22.69
C ASN D 42 18.83 -0.19 23.80
N GLY D 43 17.75 0.53 24.10
CA GLY D 43 17.76 1.49 25.19
C GLY D 43 18.17 2.89 24.80
N GLU D 44 18.65 3.12 23.58
CA GLU D 44 19.04 4.44 23.13
C GLU D 44 17.91 5.11 22.35
N ARG D 45 17.70 6.40 22.61
CA ARG D 45 16.62 7.11 21.93
C ARG D 45 16.88 7.20 20.43
N ILE D 46 15.86 6.89 19.62
CA ILE D 46 15.93 6.98 18.17
C ILE D 46 15.58 8.40 17.73
N GLU D 47 16.47 9.00 16.93
CA GLU D 47 16.31 10.42 16.56
C GLU D 47 15.27 10.62 15.46
N LYS D 48 15.26 9.78 14.43
CA LYS D 48 14.42 10.03 13.26
C LYS D 48 13.09 9.30 13.44
N VAL D 49 12.18 9.97 14.15
CA VAL D 49 10.87 9.42 14.47
C VAL D 49 9.80 10.41 14.01
N GLU D 50 8.76 9.89 13.37
CA GLU D 50 7.63 10.68 12.89
CA GLU D 50 7.64 10.68 12.91
C GLU D 50 6.42 10.40 13.77
N HIS D 51 5.43 11.28 13.69
CA HIS D 51 4.20 10.98 14.43
C HIS D 51 3.00 11.55 13.68
N SER D 52 1.84 10.95 13.96
CA SER D 52 0.56 11.40 13.44
C SER D 52 0.09 12.67 14.17
N ASP D 53 -1.02 13.21 13.67
CA ASP D 53 -1.76 14.18 14.46
C ASP D 53 -2.29 13.53 15.73
N LEU D 54 -2.53 14.38 16.72
CA LEU D 54 -3.19 13.95 17.94
C LEU D 54 -4.70 14.00 17.70
N SER D 55 -5.34 12.86 17.75
CA SER D 55 -6.77 12.78 17.53
CA SER D 55 -6.78 12.78 17.53
C SER D 55 -7.43 12.24 18.80
N PHE D 56 -8.73 11.98 18.72
CA PHE D 56 -9.39 11.41 19.89
C PHE D 56 -10.57 10.56 19.45
N SER D 57 -10.98 9.68 20.36
CA SER D 57 -12.02 8.68 20.15
C SER D 57 -13.38 9.17 20.62
N LYS D 58 -14.40 8.32 20.45
CA LYS D 58 -15.75 8.66 20.86
C LYS D 58 -15.85 8.96 22.35
N ASP D 59 -15.02 8.34 23.19
CA ASP D 59 -15.06 8.61 24.61
C ASP D 59 -14.21 9.81 25.02
N TRP D 60 -13.72 10.58 24.04
CA TRP D 60 -12.97 11.83 24.15
C TRP D 60 -11.50 11.61 24.52
N SER D 61 -11.06 10.38 24.76
CA SER D 61 -9.66 10.13 25.06
C SER D 61 -8.83 10.25 23.80
N PHE D 62 -7.59 10.70 23.96
CA PHE D 62 -6.72 11.01 22.83
C PHE D 62 -5.94 9.79 22.37
N TYR D 63 -5.48 9.85 21.12
CA TYR D 63 -4.59 8.82 20.59
C TYR D 63 -3.66 9.44 19.56
N LEU D 64 -2.55 8.75 19.32
CA LEU D 64 -1.60 9.19 18.33
CA LEU D 64 -1.44 9.27 18.54
C LEU D 64 -0.58 8.09 18.11
N LEU D 65 0.02 8.16 16.91
CA LEU D 65 0.89 7.12 16.40
C LEU D 65 2.28 7.68 16.20
N TYR D 66 3.29 7.04 16.79
CA TYR D 66 4.68 7.36 16.53
C TYR D 66 5.26 6.22 15.69
N TYR D 67 6.10 6.56 14.70
CA TYR D 67 6.60 5.54 13.81
C TYR D 67 7.97 5.93 13.25
N THR D 68 8.77 4.90 12.94
CA THR D 68 10.12 5.13 12.44
C THR D 68 10.50 4.00 11.50
N GLU D 69 11.23 4.34 10.44
CA GLU D 69 11.74 3.32 9.55
C GLU D 69 12.90 2.57 10.21
N PHE D 70 12.89 1.25 10.12
CA PHE D 70 13.97 0.47 10.71
C PHE D 70 14.14 -0.84 9.96
N THR D 71 15.28 -1.46 10.19
CA THR D 71 15.55 -2.78 9.66
C THR D 71 15.80 -3.71 10.84
N PRO D 72 14.89 -4.62 11.15
CA PRO D 72 15.11 -5.53 12.27
C PRO D 72 16.27 -6.46 12.01
N THR D 73 16.99 -6.79 13.08
CA THR D 73 18.02 -7.82 13.10
C THR D 73 17.66 -8.83 14.18
N GLU D 74 18.44 -9.90 14.27
CA GLU D 74 18.16 -10.92 15.28
C GLU D 74 18.29 -10.36 16.69
N LYS D 75 19.34 -9.56 16.95
CA LYS D 75 19.71 -9.23 18.31
C LYS D 75 19.23 -7.86 18.79
N ASP D 76 18.87 -6.94 17.89
CA ASP D 76 18.45 -5.61 18.34
C ASP D 76 17.09 -5.67 19.02
N GLU D 77 16.98 -4.98 20.15
CA GLU D 77 15.73 -4.83 20.87
C GLU D 77 15.21 -3.41 20.75
N TYR D 78 13.90 -3.28 20.59
CA TYR D 78 13.26 -1.98 20.47
C TYR D 78 12.21 -1.85 21.56
N ALA D 79 11.88 -0.60 21.88
CA ALA D 79 10.92 -0.32 22.94
C ALA D 79 10.32 1.06 22.70
N CYS D 80 9.19 1.29 23.35
CA CYS D 80 8.55 2.58 23.34
C CYS D 80 8.51 3.10 24.77
N ARG D 81 8.95 4.34 24.99
CA ARG D 81 9.00 4.93 26.32
C ARG D 81 8.02 6.11 26.38
N VAL D 82 7.06 6.04 27.30
CA VAL D 82 5.97 7.02 27.33
C VAL D 82 5.95 7.71 28.68
N ASN D 83 5.78 9.04 28.66
CA ASN D 83 5.57 9.78 29.90
C ASN D 83 4.29 10.62 29.80
N HIS D 84 3.56 10.67 30.90
CA HIS D 84 2.24 11.29 30.95
C HIS D 84 1.96 11.59 32.41
N VAL D 85 1.09 12.58 32.65
CA VAL D 85 0.88 13.04 34.02
C VAL D 85 0.30 11.93 34.89
N THR D 86 -0.38 10.95 34.30
CA THR D 86 -0.94 9.84 35.06
C THR D 86 0.09 8.81 35.49
N LEU D 87 1.31 8.87 34.98
CA LEU D 87 2.34 7.87 35.26
C LEU D 87 3.32 8.37 36.31
N SER D 88 3.58 7.53 37.33
CA SER D 88 4.57 7.86 38.36
C SER D 88 5.97 7.96 37.79
N GLN D 89 6.27 7.17 36.76
CA GLN D 89 7.56 7.19 36.09
C GLN D 89 7.31 6.80 34.65
N PRO D 90 8.25 7.10 33.74
CA PRO D 90 8.04 6.74 32.34
C PRO D 90 7.83 5.24 32.20
N LYS D 91 6.89 4.88 31.33
CA LYS D 91 6.56 3.48 31.09
C LYS D 91 7.27 3.04 29.81
N ILE D 92 7.95 1.92 29.88
CA ILE D 92 8.69 1.37 28.73
C ILE D 92 8.04 0.06 28.33
N VAL D 93 7.59 -0.02 27.09
CA VAL D 93 6.97 -1.23 26.55
C VAL D 93 7.88 -1.77 25.47
N LYS D 94 8.33 -3.02 25.64
CA LYS D 94 9.25 -3.62 24.69
C LYS D 94 8.48 -4.08 23.45
N TRP D 95 9.13 -3.99 22.29
CA TRP D 95 8.54 -4.52 21.07
C TRP D 95 8.65 -6.05 21.09
N ASP D 96 7.51 -6.72 21.05
CA ASP D 96 7.41 -8.16 20.86
C ASP D 96 7.13 -8.36 19.36
N ARG D 97 8.08 -8.97 18.65
CA ARG D 97 7.97 -9.06 17.19
CA ARG D 97 7.95 -9.03 17.20
C ARG D 97 6.75 -9.84 16.74
N ASP D 98 6.15 -10.65 17.62
CA ASP D 98 4.95 -11.41 17.24
C ASP D 98 3.67 -10.60 17.32
N MET D 99 3.70 -9.43 17.95
CA MET D 99 2.50 -8.62 18.19
C MET D 99 2.12 -7.77 16.99
N CYS E . 14.16 -10.67 -5.69
CA CYS E . 12.82 -10.12 -5.85
C CYS E . 12.86 -8.60 -6.00
O CYS E . 13.87 -8.04 -6.42
CB CYS E . 11.94 -10.49 -4.66
SG CYS E . 11.71 -12.27 -4.41
N1 ER7 F . 4.88 -8.14 -9.19
C2 ER7 F . 9.79 -8.00 -11.95
N2 ER7 F . 5.43 -6.70 -10.74
N3 ER7 F . 6.39 -6.66 -9.73
C4 ER7 F . 8.48 -6.29 -10.79
C6 ER7 F . 8.40 -6.08 -8.40
C7 ER7 F . 9.66 -5.22 -8.27
C9 ER7 F . 7.92 -7.10 -7.41
N ER7 F . 6.77 -7.77 -7.68
C ER7 F . 9.58 -5.81 -12.92
O ER7 F . 9.75 -4.29 -9.06
C1 ER7 F . 10.08 -7.10 -12.97
C10 ER7 F . 8.63 -7.43 -6.12
C11 ER7 F . 6.03 -7.56 -8.79
C12 ER7 F . 4.51 -7.61 -10.39
C13 ER7 F . 8.77 -5.40 -11.83
C3 ER7 F . 8.99 -7.59 -10.86
C5 ER7 F . 7.61 -5.89 -9.61
C8 ER7 F . 10.73 -5.49 -7.25
F ER7 F . 9.86 -4.95 -13.90
C1 GOL G . 8.57 9.55 -21.41
O1 GOL G . 9.02 8.43 -22.13
C2 GOL G . 8.94 9.37 -19.94
O2 GOL G . 8.15 8.33 -19.39
C3 GOL G . 8.82 10.71 -19.22
O3 GOL G . 8.57 10.61 -17.82
C1 PEG H . 5.30 0.18 2.73
O1 PEG H . 5.88 -0.12 3.98
C2 PEG H . 5.57 1.65 2.45
O2 PEG H . 4.97 2.02 1.25
C3 PEG H . 5.58 3.14 0.69
C4 PEG H . 4.71 3.72 -0.42
O4 PEG H . 5.50 4.59 -1.17
N CYS I . -0.47 16.07 9.10
CA CYS I . -1.02 14.75 8.80
C CYS I . -0.06 13.64 9.25
O CYS I . 0.72 13.83 10.17
CB CYS I . -1.33 14.62 7.31
SG CYS I . -2.53 15.83 6.67
N1 ER7 J . -6.12 7.52 8.74
C2 ER7 J . -4.18 10.13 13.32
N2 ER7 J . -5.50 6.55 10.59
N3 ER7 J . -4.45 7.32 10.12
C4 ER7 J . -3.36 8.23 12.03
C6 ER7 J . -2.24 8.43 9.93
C7 ER7 J . -0.86 8.65 10.51
C9 ER7 J . -2.78 9.04 8.67
N ER7 J . -4.04 8.75 8.29
C ER7 J . -3.25 8.23 14.47
O ER7 J . -0.49 7.85 11.35
C1 ER7 J . -3.83 9.50 14.51
C10 ER7 J . -1.98 9.99 7.79
C11 ER7 J . -4.85 7.92 8.99
C12 ER7 J . -6.52 6.68 9.72
C13 ER7 J . -3.01 7.59 13.23
C3 ER7 J . -3.95 9.50 12.08
C5 ER7 J . -3.13 7.57 10.68
C8 ER7 J . 0.05 9.76 10.07
F ER7 J . -2.91 7.63 15.62
C1 GOL K . 4.70 -4.87 22.22
O1 GOL K . 4.83 -5.59 21.01
C2 GOL K . 3.73 -5.55 23.18
O2 GOL K . 4.35 -5.69 24.44
C3 GOL K . 2.53 -4.62 23.31
O3 GOL K . 2.24 -4.13 22.02
#